data_4BV7
# 
_entry.id   4BV7 
# 
_audit_conform.dict_name       mmcif_pdbx.dic 
_audit_conform.dict_version    5.398 
_audit_conform.dict_location   http://mmcif.pdb.org/dictionaries/ascii/mmcif_pdbx.dic 
# 
loop_
_database_2.database_id 
_database_2.database_code 
_database_2.pdbx_database_accession 
_database_2.pdbx_DOI 
PDB   4BV7         pdb_00004bv7 10.2210/pdb4bv7/pdb 
PDBE  EBI-57428    ?            ?                   
WWPDB D_1290057428 ?            ?                   
# 
loop_
_pdbx_audit_revision_history.ordinal 
_pdbx_audit_revision_history.data_content_type 
_pdbx_audit_revision_history.major_revision 
_pdbx_audit_revision_history.minor_revision 
_pdbx_audit_revision_history.revision_date 
1 'Structure model' 1 0 2014-07-09 
2 'Structure model' 1 1 2018-04-04 
3 'Structure model' 1 2 2023-12-20 
4 'Structure model' 1 3 2024-11-06 
# 
_pdbx_audit_revision_details.ordinal             1 
_pdbx_audit_revision_details.revision_ordinal    1 
_pdbx_audit_revision_details.data_content_type   'Structure model' 
_pdbx_audit_revision_details.provider            repository 
_pdbx_audit_revision_details.type                'Initial release' 
_pdbx_audit_revision_details.description         ? 
_pdbx_audit_revision_details.details             ? 
# 
loop_
_pdbx_audit_revision_group.ordinal 
_pdbx_audit_revision_group.revision_ordinal 
_pdbx_audit_revision_group.data_content_type 
_pdbx_audit_revision_group.group 
1 2 'Structure model' 'Data collection'        
2 3 'Structure model' 'Data collection'        
3 3 'Structure model' 'Database references'    
4 3 'Structure model' 'Derived calculations'   
5 3 'Structure model' Other                    
6 3 'Structure model' 'Refinement description' 
7 4 'Structure model' 'Structure summary'      
# 
loop_
_pdbx_audit_revision_category.ordinal 
_pdbx_audit_revision_category.revision_ordinal 
_pdbx_audit_revision_category.data_content_type 
_pdbx_audit_revision_category.category 
1 2 'Structure model' diffrn_source                 
2 3 'Structure model' chem_comp_atom                
3 3 'Structure model' chem_comp_bond                
4 3 'Structure model' database_2                    
5 3 'Structure model' pdbx_database_status          
6 3 'Structure model' pdbx_initial_refinement_model 
7 3 'Structure model' struct_site                   
8 4 'Structure model' pdbx_entry_details            
9 4 'Structure model' pdbx_modification_feature     
# 
loop_
_pdbx_audit_revision_item.ordinal 
_pdbx_audit_revision_item.revision_ordinal 
_pdbx_audit_revision_item.data_content_type 
_pdbx_audit_revision_item.item 
1 2 'Structure model' '_diffrn_source.type'                  
2 3 'Structure model' '_database_2.pdbx_DOI'                 
3 3 'Structure model' '_database_2.pdbx_database_accession'  
4 3 'Structure model' '_pdbx_database_status.status_code_sf' 
5 3 'Structure model' '_struct_site.pdbx_auth_asym_id'       
6 3 'Structure model' '_struct_site.pdbx_auth_comp_id'       
7 3 'Structure model' '_struct_site.pdbx_auth_seq_id'        
# 
_pdbx_database_status.status_code                     REL 
_pdbx_database_status.entry_id                        4BV7 
_pdbx_database_status.deposit_site                    PDBE 
_pdbx_database_status.process_site                    PDBE 
_pdbx_database_status.SG_entry                        . 
_pdbx_database_status.recvd_initial_deposition_date   2013-06-25 
_pdbx_database_status.pdb_format_compatible           Y 
_pdbx_database_status.status_code_sf                  REL 
_pdbx_database_status.status_code_mr                  ? 
_pdbx_database_status.status_code_cs                  ? 
_pdbx_database_status.methods_development_category    ? 
_pdbx_database_status.status_code_nmr_data            ? 
# 
loop_
_pdbx_database_related.db_name 
_pdbx_database_related.db_id 
_pdbx_database_related.content_type 
_pdbx_database_related.details 
PDB 4BV5 unspecified 'IDENTIFICATION OF SMALL MOLECULE INHIBITORS SELECTIVE FOR APO(A) KRINGLES KIV-7, KIV-10 AND KV.' 
PDB 4BVC unspecified 'IDENTIFICATION OF SMALL MOLECULE INHIBITORS SELECTIVE FOR APO(A) KRINGLES KIV-7, KIV-10 AND KV.' 
PDB 4BVD unspecified 'IDENTIFICATION OF SMALL MOLECULE INHIBITORS SELECTIVE FOR APO(A) KRINGLES KIV-7, KIV-10 AND KV.' 
PDB 4BVV unspecified 'IDENTIFICATION OF SMALL MOLECULE INHIBITORS SELECTIVE FOR APO(A) KRINGLES KIV-7, KIV-10 AND KV.' 
PDB 4BVW unspecified 'IDENTIFICATION OF SMALL MOLECULE INHIBITORS SELECTIVE FOR APO(A) KRINGLES KIV-7, KIV-10 AND KV.' 
# 
loop_
_audit_author.name 
_audit_author.pdbx_ordinal 
'Sandmark, J.'           1  
'Althage, M.'            2  
'Andersson, G.M.K.'      3  
'Antonsson, T.'          4  
'Blaho, S.'              5  
'Bodin, C.'              6  
'Bostrom, J.'            7  
'Chen, Y.'               8  
'Dahlen, A.'             9  
'Eriksson, P.O.'         10 
'Evertsson, E.'          11 
'Fex, T.'                12 
'Fjellstrom, O.'         13 
'Gustafsson, D.'         14 
'Hallberg, C.'           15 
'Hicks, R.'              16 
'Jarkvist, E.'           17 
'Johansson, C.'          18 
'Kalies, I.'             19 
'Kang, D.'               20 
'Svalstedt Karlsson, B.' 21 
'Kartberg, F.'           22 
'Legnehed, A.'           23 
'Lindqvist, A.M.'        24 
'Martinsson, S.A.'       25 
'Moberg, A.'             26 
'Petersson, A.U.'        27 
'Ridderstrom, M.'        28 
'Thelin, A.'             29 
'Tigerstrom, A.'         30 
'Vinblad, J.'            31 
'Xu, B.'                 32 
'Knecht, W.'             33 
# 
_citation.id                        primary 
_citation.title                     
'Small Molecules Used to Decipher the Pathophysiological Roles of the Kringle Domains Kiv-7, - 10 and Kv of Apolipoprotein(A)' 
_citation.journal_abbrev            'To be Published' 
_citation.journal_volume            ? 
_citation.page_first                ? 
_citation.page_last                 ? 
_citation.year                      ? 
_citation.journal_id_ASTM           ? 
_citation.country                   ? 
_citation.journal_id_ISSN           ? 
_citation.journal_id_CSD            0353 
_citation.book_publisher            ? 
_citation.pdbx_database_id_PubMed   ? 
_citation.pdbx_database_id_DOI      ? 
# 
loop_
_citation_author.citation_id 
_citation_author.name 
_citation_author.ordinal 
_citation_author.identifier_ORCID 
primary 'Sandmark, J.'           1  ? 
primary 'Althage, M.'            2  ? 
primary 'Andersson, G.M.K.'      3  ? 
primary 'Antonsson, T.'          4  ? 
primary 'Blaho, S.'              5  ? 
primary 'Bodin, C.'              6  ? 
primary 'Bostrom, J.'            7  ? 
primary 'Chen, Y.'               8  ? 
primary 'Dahlen, A.'             9  ? 
primary 'Eriksson, P.O.'         10 ? 
primary 'Evertsson, E.'          11 ? 
primary 'Fex, T.'                12 ? 
primary 'Fjellstrom, O.'         13 ? 
primary 'Gustafsson, D.'         14 ? 
primary 'Hallberg, C.'           15 ? 
primary 'Hicks, R.'              16 ? 
primary 'Jarkvist, E.'           17 ? 
primary 'Johansson, C.'          18 ? 
primary 'Kalies, I.'             19 ? 
primary 'Kang, D.'               20 ? 
primary 'Svalstedt Karlsson, B.' 21 ? 
primary 'Kartberg, F.'           22 ? 
primary 'Legnehed, A.'           23 ? 
primary 'Lindqvist, A.M.'        24 ? 
primary 'Martinsson, S.A.'       25 ? 
primary 'Moberg, A.'             26 ? 
primary 'Petersson, A.U.'        27 ? 
primary 'Ridderstrom, M.'        28 ? 
primary 'Thelin, A.'             29 ? 
primary 'Tigerstrom, A.'         30 ? 
primary 'Vinblad, J.'            31 ? 
primary 'Xu, B.'                 32 ? 
primary 'Knecht, W.'             33 ? 
# 
loop_
_entity.id 
_entity.type 
_entity.src_method 
_entity.pdbx_description 
_entity.formula_weight 
_entity.pdbx_number_of_molecules 
_entity.pdbx_ec 
_entity.pdbx_mutation 
_entity.pdbx_fragment 
_entity.details 
1 polymer     man 'APOLIPOPROTEIN(A)'             9156.078 1  3.4.21.- YES 'KRINGLE DOMAIN IV-10, RESIDUES 4123-4201' ? 
2 non-polymer syn 'ACETATE ION'                   59.044   2  ?        ?   ?                                          ? 
3 non-polymer syn '3-(4-piperidyl)propanoic acid' 157.210  1  ?        ?   ?                                          ? 
4 water       nat water                           18.015   93 ?        ?   ?                                          ? 
# 
_entity_name_com.entity_id   1 
_entity_name_com.name        'APOLIPOPROTEIN A, APO(A), LP(A)' 
# 
_entity_poly.entity_id                      1 
_entity_poly.type                           'polypeptide(L)' 
_entity_poly.nstd_linkage                   no 
_entity_poly.nstd_monomer                   no 
_entity_poly.pdbx_seq_one_letter_code       QCYHGNGQSYRGTFSTTVTGRTCQSWSSMTPHRHQRTPENYPNDGLTMNYCRNPDADTGPWCFTMDPSIRWEYCALTRC 
_entity_poly.pdbx_seq_one_letter_code_can   QCYHGNGQSYRGTFSTTVTGRTCQSWSSMTPHRHQRTPENYPNDGLTMNYCRNPDADTGPWCFTMDPSIRWEYCALTRC 
_entity_poly.pdbx_strand_id                 A 
_entity_poly.pdbx_target_identifier         ? 
# 
loop_
_pdbx_entity_nonpoly.entity_id 
_pdbx_entity_nonpoly.name 
_pdbx_entity_nonpoly.comp_id 
2 'ACETATE ION'                   ACT 
3 '3-(4-piperidyl)propanoic acid' BV7 
4 water                           HOH 
# 
loop_
_entity_poly_seq.entity_id 
_entity_poly_seq.num 
_entity_poly_seq.mon_id 
_entity_poly_seq.hetero 
1 1  GLN n 
1 2  CYS n 
1 3  TYR n 
1 4  HIS n 
1 5  GLY n 
1 6  ASN n 
1 7  GLY n 
1 8  GLN n 
1 9  SER n 
1 10 TYR n 
1 11 ARG n 
1 12 GLY n 
1 13 THR n 
1 14 PHE n 
1 15 SER n 
1 16 THR n 
1 17 THR n 
1 18 VAL n 
1 19 THR n 
1 20 GLY n 
1 21 ARG n 
1 22 THR n 
1 23 CYS n 
1 24 GLN n 
1 25 SER n 
1 26 TRP n 
1 27 SER n 
1 28 SER n 
1 29 MET n 
1 30 THR n 
1 31 PRO n 
1 32 HIS n 
1 33 ARG n 
1 34 HIS n 
1 35 GLN n 
1 36 ARG n 
1 37 THR n 
1 38 PRO n 
1 39 GLU n 
1 40 ASN n 
1 41 TYR n 
1 42 PRO n 
1 43 ASN n 
1 44 ASP n 
1 45 GLY n 
1 46 LEU n 
1 47 THR n 
1 48 MET n 
1 49 ASN n 
1 50 TYR n 
1 51 CYS n 
1 52 ARG n 
1 53 ASN n 
1 54 PRO n 
1 55 ASP n 
1 56 ALA n 
1 57 ASP n 
1 58 THR n 
1 59 GLY n 
1 60 PRO n 
1 61 TRP n 
1 62 CYS n 
1 63 PHE n 
1 64 THR n 
1 65 MET n 
1 66 ASP n 
1 67 PRO n 
1 68 SER n 
1 69 ILE n 
1 70 ARG n 
1 71 TRP n 
1 72 GLU n 
1 73 TYR n 
1 74 CYS n 
1 75 ALA n 
1 76 LEU n 
1 77 THR n 
1 78 ARG n 
1 79 CYS n 
# 
_entity_src_gen.entity_id                          1 
_entity_src_gen.pdbx_src_id                        1 
_entity_src_gen.pdbx_alt_source_flag               sample 
_entity_src_gen.pdbx_seq_type                      ? 
_entity_src_gen.pdbx_beg_seq_num                   ? 
_entity_src_gen.pdbx_end_seq_num                   ? 
_entity_src_gen.gene_src_common_name               HUMAN 
_entity_src_gen.gene_src_genus                     ? 
_entity_src_gen.pdbx_gene_src_gene                 ? 
_entity_src_gen.gene_src_species                   ? 
_entity_src_gen.gene_src_strain                    ? 
_entity_src_gen.gene_src_tissue                    ? 
_entity_src_gen.gene_src_tissue_fraction           ? 
_entity_src_gen.gene_src_details                   ? 
_entity_src_gen.pdbx_gene_src_fragment             ? 
_entity_src_gen.pdbx_gene_src_scientific_name      'HOMO SAPIENS' 
_entity_src_gen.pdbx_gene_src_ncbi_taxonomy_id     9606 
_entity_src_gen.pdbx_gene_src_variant              ? 
_entity_src_gen.pdbx_gene_src_cell_line            ? 
_entity_src_gen.pdbx_gene_src_atcc                 ? 
_entity_src_gen.pdbx_gene_src_organ                ? 
_entity_src_gen.pdbx_gene_src_organelle            ? 
_entity_src_gen.pdbx_gene_src_cell                 ? 
_entity_src_gen.pdbx_gene_src_cellular_location    ? 
_entity_src_gen.host_org_common_name               ? 
_entity_src_gen.pdbx_host_org_scientific_name      'KOMAGATAELLA PASTORIS' 
_entity_src_gen.pdbx_host_org_ncbi_taxonomy_id     4922 
_entity_src_gen.host_org_genus                     ? 
_entity_src_gen.pdbx_host_org_gene                 ? 
_entity_src_gen.pdbx_host_org_organ                ? 
_entity_src_gen.host_org_species                   ? 
_entity_src_gen.pdbx_host_org_tissue               ? 
_entity_src_gen.pdbx_host_org_tissue_fraction      ? 
_entity_src_gen.pdbx_host_org_strain               X-33 
_entity_src_gen.pdbx_host_org_variant              ? 
_entity_src_gen.pdbx_host_org_cell_line            ? 
_entity_src_gen.pdbx_host_org_atcc                 ? 
_entity_src_gen.pdbx_host_org_culture_collection   ? 
_entity_src_gen.pdbx_host_org_cell                 ? 
_entity_src_gen.pdbx_host_org_organelle            ? 
_entity_src_gen.pdbx_host_org_cellular_location    ? 
_entity_src_gen.pdbx_host_org_vector_type          PLASMID 
_entity_src_gen.pdbx_host_org_vector               ? 
_entity_src_gen.host_org_details                   ? 
_entity_src_gen.expression_system_id               ? 
_entity_src_gen.plasmid_name                       PPICZALPHAC 
_entity_src_gen.plasmid_details                    ? 
_entity_src_gen.pdbx_description                   ? 
# 
loop_
_chem_comp.id 
_chem_comp.type 
_chem_comp.mon_nstd_flag 
_chem_comp.name 
_chem_comp.pdbx_synonyms 
_chem_comp.formula 
_chem_comp.formula_weight 
ACT non-polymer         . 'ACETATE ION'                   ? 'C2 H3 O2 -1'    59.044  
ALA 'L-peptide linking' y ALANINE                         ? 'C3 H7 N O2'     89.093  
ARG 'L-peptide linking' y ARGININE                        ? 'C6 H15 N4 O2 1' 175.209 
ASN 'L-peptide linking' y ASPARAGINE                      ? 'C4 H8 N2 O3'    132.118 
ASP 'L-peptide linking' y 'ASPARTIC ACID'                 ? 'C4 H7 N O4'     133.103 
BV7 non-polymer         . '3-(4-piperidyl)propanoic acid' ? 'C8 H15 N O2'    157.210 
CYS 'L-peptide linking' y CYSTEINE                        ? 'C3 H7 N O2 S'   121.158 
GLN 'L-peptide linking' y GLUTAMINE                       ? 'C5 H10 N2 O3'   146.144 
GLU 'L-peptide linking' y 'GLUTAMIC ACID'                 ? 'C5 H9 N O4'     147.129 
GLY 'peptide linking'   y GLYCINE                         ? 'C2 H5 N O2'     75.067  
HIS 'L-peptide linking' y HISTIDINE                       ? 'C6 H10 N3 O2 1' 156.162 
HOH non-polymer         . WATER                           ? 'H2 O'           18.015  
ILE 'L-peptide linking' y ISOLEUCINE                      ? 'C6 H13 N O2'    131.173 
LEU 'L-peptide linking' y LEUCINE                         ? 'C6 H13 N O2'    131.173 
MET 'L-peptide linking' y METHIONINE                      ? 'C5 H11 N O2 S'  149.211 
PHE 'L-peptide linking' y PHENYLALANINE                   ? 'C9 H11 N O2'    165.189 
PRO 'L-peptide linking' y PROLINE                         ? 'C5 H9 N O2'     115.130 
SER 'L-peptide linking' y SERINE                          ? 'C3 H7 N O3'     105.093 
THR 'L-peptide linking' y THREONINE                       ? 'C4 H9 N O3'     119.119 
TRP 'L-peptide linking' y TRYPTOPHAN                      ? 'C11 H12 N2 O2'  204.225 
TYR 'L-peptide linking' y TYROSINE                        ? 'C9 H11 N O3'    181.189 
VAL 'L-peptide linking' y VALINE                          ? 'C5 H11 N O2'    117.146 
# 
loop_
_pdbx_poly_seq_scheme.asym_id 
_pdbx_poly_seq_scheme.entity_id 
_pdbx_poly_seq_scheme.seq_id 
_pdbx_poly_seq_scheme.mon_id 
_pdbx_poly_seq_scheme.ndb_seq_num 
_pdbx_poly_seq_scheme.pdb_seq_num 
_pdbx_poly_seq_scheme.auth_seq_num 
_pdbx_poly_seq_scheme.pdb_mon_id 
_pdbx_poly_seq_scheme.auth_mon_id 
_pdbx_poly_seq_scheme.pdb_strand_id 
_pdbx_poly_seq_scheme.pdb_ins_code 
_pdbx_poly_seq_scheme.hetero 
A 1 1  GLN 1  0  0  GLN GLN A . n 
A 1 2  CYS 2  1  1  CYS CYS A . n 
A 1 3  TYR 3  2  2  TYR TYR A . n 
A 1 4  HIS 4  3  3  HIS HIS A . n 
A 1 5  GLY 5  4  4  GLY GLY A . n 
A 1 6  ASN 6  5  5  ASN ASN A . n 
A 1 7  GLY 7  6  6  GLY GLY A . n 
A 1 8  GLN 8  7  7  GLN GLN A . n 
A 1 9  SER 9  8  8  SER SER A . n 
A 1 10 TYR 10 9  9  TYR TYR A . n 
A 1 11 ARG 11 10 10 ARG ARG A . n 
A 1 12 GLY 12 11 11 GLY GLY A . n 
A 1 13 THR 13 12 12 THR THR A . n 
A 1 14 PHE 14 13 13 PHE PHE A . n 
A 1 15 SER 15 14 14 SER SER A . n 
A 1 16 THR 16 15 15 THR THR A . n 
A 1 17 THR 17 16 16 THR THR A . n 
A 1 18 VAL 18 17 17 VAL VAL A . n 
A 1 19 THR 19 18 18 THR THR A . n 
A 1 20 GLY 20 19 19 GLY GLY A . n 
A 1 21 ARG 21 20 20 ARG ARG A . n 
A 1 22 THR 22 21 21 THR THR A . n 
A 1 23 CYS 23 22 22 CYS CYS A . n 
A 1 24 GLN 24 23 23 GLN GLN A . n 
A 1 25 SER 25 24 24 SER SER A . n 
A 1 26 TRP 26 25 25 TRP TRP A . n 
A 1 27 SER 27 26 26 SER SER A . n 
A 1 28 SER 28 27 27 SER SER A . n 
A 1 29 MET 29 28 28 MET MET A . n 
A 1 30 THR 30 29 29 THR THR A . n 
A 1 31 PRO 31 30 30 PRO PRO A . n 
A 1 32 HIS 32 31 31 HIS HIS A . n 
A 1 33 ARG 33 32 32 ARG ARG A . n 
A 1 34 HIS 34 33 33 HIS HIS A . n 
A 1 35 GLN 35 34 34 GLN GLN A . n 
A 1 36 ARG 36 35 35 ARG ARG A . n 
A 1 37 THR 37 37 37 THR THR A . n 
A 1 38 PRO 38 38 38 PRO PRO A . n 
A 1 39 GLU 39 39 39 GLU GLU A . n 
A 1 40 ASN 40 40 40 ASN ASN A . n 
A 1 41 TYR 41 41 41 TYR TYR A . n 
A 1 42 PRO 42 42 42 PRO PRO A . n 
A 1 43 ASN 43 43 43 ASN ASN A . n 
A 1 44 ASP 44 44 44 ASP ASP A . n 
A 1 45 GLY 45 45 45 GLY GLY A . n 
A 1 46 LEU 46 46 46 LEU LEU A . n 
A 1 47 THR 47 47 47 THR THR A . n 
A 1 48 MET 48 48 48 MET MET A . n 
A 1 49 ASN 49 49 49 ASN ASN A . n 
A 1 50 TYR 50 50 50 TYR TYR A . n 
A 1 51 CYS 51 51 51 CYS CYS A . n 
A 1 52 ARG 52 52 52 ARG ARG A . n 
A 1 53 ASN 53 53 53 ASN ASN A . n 
A 1 54 PRO 54 54 54 PRO PRO A . n 
A 1 55 ASP 55 55 55 ASP ASP A . n 
A 1 56 ALA 56 56 56 ALA ALA A . n 
A 1 57 ASP 57 57 57 ASP ASP A . n 
A 1 58 THR 58 58 58 THR THR A . n 
A 1 59 GLY 59 60 60 GLY GLY A . n 
A 1 60 PRO 60 61 61 PRO PRO A . n 
A 1 61 TRP 61 62 62 TRP TRP A . n 
A 1 62 CYS 62 63 63 CYS CYS A . n 
A 1 63 PHE 63 64 64 PHE PHE A . n 
A 1 64 THR 64 65 65 THR THR A . n 
A 1 65 MET 65 66 66 MET MET A . n 
A 1 66 ASP 66 67 67 ASP ASP A . n 
A 1 67 PRO 67 68 68 PRO PRO A . n 
A 1 68 SER 68 69 69 SER SER A . n 
A 1 69 ILE 69 70 70 ILE ILE A . n 
A 1 70 ARG 70 71 71 ARG ARG A . n 
A 1 71 TRP 71 72 72 TRP TRP A . n 
A 1 72 GLU 72 73 73 GLU GLU A . n 
A 1 73 TYR 73 74 74 TYR TYR A . n 
A 1 74 CYS 74 75 75 CYS CYS A . n 
A 1 75 ALA 75 76 76 ALA ALA A . n 
A 1 76 LEU 76 77 77 LEU LEU A . n 
A 1 77 THR 77 78 78 THR THR A . n 
A 1 78 ARG 78 79 79 ARG ARG A . n 
A 1 79 CYS 79 80 80 CYS CYS A . n 
# 
loop_
_pdbx_nonpoly_scheme.asym_id 
_pdbx_nonpoly_scheme.entity_id 
_pdbx_nonpoly_scheme.mon_id 
_pdbx_nonpoly_scheme.ndb_seq_num 
_pdbx_nonpoly_scheme.pdb_seq_num 
_pdbx_nonpoly_scheme.auth_seq_num 
_pdbx_nonpoly_scheme.pdb_mon_id 
_pdbx_nonpoly_scheme.auth_mon_id 
_pdbx_nonpoly_scheme.pdb_strand_id 
_pdbx_nonpoly_scheme.pdb_ins_code 
B 2 ACT 1  1081 1081 ACT ACT A . 
C 2 ACT 1  1082 1082 ACT ACT A . 
D 3 BV7 1  1083 1083 BV7 BV7 A . 
E 4 HOH 1  2001 2001 HOH HOH A . 
E 4 HOH 2  2002 2002 HOH HOH A . 
E 4 HOH 3  2003 2003 HOH HOH A . 
E 4 HOH 4  2004 2004 HOH HOH A . 
E 4 HOH 5  2005 2005 HOH HOH A . 
E 4 HOH 6  2006 2006 HOH HOH A . 
E 4 HOH 7  2007 2007 HOH HOH A . 
E 4 HOH 8  2008 2008 HOH HOH A . 
E 4 HOH 9  2009 2009 HOH HOH A . 
E 4 HOH 10 2010 2010 HOH HOH A . 
E 4 HOH 11 2011 2011 HOH HOH A . 
E 4 HOH 12 2012 2012 HOH HOH A . 
E 4 HOH 13 2013 2013 HOH HOH A . 
E 4 HOH 14 2014 2014 HOH HOH A . 
E 4 HOH 15 2015 2015 HOH HOH A . 
E 4 HOH 16 2016 2016 HOH HOH A . 
E 4 HOH 17 2017 2017 HOH HOH A . 
E 4 HOH 18 2018 2018 HOH HOH A . 
E 4 HOH 19 2019 2019 HOH HOH A . 
E 4 HOH 20 2020 2020 HOH HOH A . 
E 4 HOH 21 2021 2021 HOH HOH A . 
E 4 HOH 22 2022 2022 HOH HOH A . 
E 4 HOH 23 2023 2023 HOH HOH A . 
E 4 HOH 24 2024 2024 HOH HOH A . 
E 4 HOH 25 2025 2025 HOH HOH A . 
E 4 HOH 26 2026 2026 HOH HOH A . 
E 4 HOH 27 2027 2027 HOH HOH A . 
E 4 HOH 28 2028 2028 HOH HOH A . 
E 4 HOH 29 2029 2029 HOH HOH A . 
E 4 HOH 30 2030 2030 HOH HOH A . 
E 4 HOH 31 2031 2031 HOH HOH A . 
E 4 HOH 32 2032 2032 HOH HOH A . 
E 4 HOH 33 2033 2033 HOH HOH A . 
E 4 HOH 34 2034 2034 HOH HOH A . 
E 4 HOH 35 2035 2035 HOH HOH A . 
E 4 HOH 36 2036 2036 HOH HOH A . 
E 4 HOH 37 2037 2037 HOH HOH A . 
E 4 HOH 38 2038 2038 HOH HOH A . 
E 4 HOH 39 2039 2039 HOH HOH A . 
E 4 HOH 40 2040 2040 HOH HOH A . 
E 4 HOH 41 2041 2041 HOH HOH A . 
E 4 HOH 42 2042 2042 HOH HOH A . 
E 4 HOH 43 2043 2043 HOH HOH A . 
E 4 HOH 44 2044 2044 HOH HOH A . 
E 4 HOH 45 2045 2045 HOH HOH A . 
E 4 HOH 46 2046 2046 HOH HOH A . 
E 4 HOH 47 2047 2047 HOH HOH A . 
E 4 HOH 48 2048 2048 HOH HOH A . 
E 4 HOH 49 2049 2049 HOH HOH A . 
E 4 HOH 50 2050 2050 HOH HOH A . 
E 4 HOH 51 2051 2051 HOH HOH A . 
E 4 HOH 52 2052 2052 HOH HOH A . 
E 4 HOH 53 2053 2053 HOH HOH A . 
E 4 HOH 54 2054 2054 HOH HOH A . 
E 4 HOH 55 2055 2055 HOH HOH A . 
E 4 HOH 56 2056 2056 HOH HOH A . 
E 4 HOH 57 2057 2057 HOH HOH A . 
E 4 HOH 58 2058 2058 HOH HOH A . 
E 4 HOH 59 2059 2059 HOH HOH A . 
E 4 HOH 60 2060 2060 HOH HOH A . 
E 4 HOH 61 2061 2061 HOH HOH A . 
E 4 HOH 62 2062 2062 HOH HOH A . 
E 4 HOH 63 2063 2063 HOH HOH A . 
E 4 HOH 64 2064 2064 HOH HOH A . 
E 4 HOH 65 2065 2065 HOH HOH A . 
E 4 HOH 66 2066 2066 HOH HOH A . 
E 4 HOH 67 2067 2067 HOH HOH A . 
E 4 HOH 68 2068 2068 HOH HOH A . 
E 4 HOH 69 2069 2069 HOH HOH A . 
E 4 HOH 70 2070 2070 HOH HOH A . 
E 4 HOH 71 2071 2071 HOH HOH A . 
E 4 HOH 72 2072 2072 HOH HOH A . 
E 4 HOH 73 2073 2073 HOH HOH A . 
E 4 HOH 74 2074 2074 HOH HOH A . 
E 4 HOH 75 2075 2075 HOH HOH A . 
E 4 HOH 76 2076 2076 HOH HOH A . 
E 4 HOH 77 2077 2077 HOH HOH A . 
E 4 HOH 78 2078 2078 HOH HOH A . 
E 4 HOH 79 2079 2079 HOH HOH A . 
E 4 HOH 80 2080 2080 HOH HOH A . 
E 4 HOH 81 2081 2081 HOH HOH A . 
E 4 HOH 82 2082 2082 HOH HOH A . 
E 4 HOH 83 2083 2083 HOH HOH A . 
E 4 HOH 84 2084 2084 HOH HOH A . 
E 4 HOH 85 2085 2085 HOH HOH A . 
E 4 HOH 86 2086 2086 HOH HOH A . 
E 4 HOH 87 2087 2087 HOH HOH A . 
E 4 HOH 88 2088 2088 HOH HOH A . 
E 4 HOH 89 2089 2089 HOH HOH A . 
E 4 HOH 90 2090 2090 HOH HOH A . 
E 4 HOH 91 2091 2091 HOH HOH A . 
E 4 HOH 92 2092 2092 HOH HOH A . 
E 4 HOH 93 2093 2093 HOH HOH A . 
# 
loop_
_software.name 
_software.classification 
_software.version 
_software.citation_id 
_software.pdbx_ordinal 
REFMAC refinement       5.7.0029 ? 1 
MOSFLM 'data reduction' .        ? 2 
SCALA  'data scaling'   .        ? 3 
PHASER phasing          .        ? 4 
# 
_cell.entry_id           4BV7 
_cell.length_a           24.068 
_cell.length_b           45.111 
_cell.length_c           53.123 
_cell.angle_alpha        90.00 
_cell.angle_beta         90.00 
_cell.angle_gamma        90.00 
_cell.Z_PDB              4 
_cell.pdbx_unique_axis   ? 
# 
_symmetry.entry_id                         4BV7 
_symmetry.space_group_name_H-M             'P 21 21 21' 
_symmetry.pdbx_full_space_group_name_H-M   ? 
_symmetry.cell_setting                     ? 
_symmetry.Int_Tables_number                19 
# 
_exptl.entry_id          4BV7 
_exptl.method            'X-RAY DIFFRACTION' 
_exptl.crystals_number   1 
# 
_exptl_crystal.id                    1 
_exptl_crystal.density_meas          ? 
_exptl_crystal.density_Matthews      1.6 
_exptl_crystal.density_percent_sol   23 
_exptl_crystal.description           NONE 
# 
_exptl_crystal_grow.crystal_id      1 
_exptl_crystal_grow.method          ? 
_exptl_crystal_grow.temp            ? 
_exptl_crystal_grow.temp_details    ? 
_exptl_crystal_grow.pH              ? 
_exptl_crystal_grow.pdbx_pH_range   ? 
_exptl_crystal_grow.pdbx_details    '25 % PEG4000, 0.1M NAOAC, 8% 2-PROPANOL' 
# 
_diffrn.id                     1 
_diffrn.ambient_temp           100 
_diffrn.ambient_temp_details   ? 
_diffrn.crystal_id             1 
# 
_diffrn_detector.diffrn_id              1 
_diffrn_detector.detector               CCD 
_diffrn_detector.type                   'RIGAKU CCD-A200-CU' 
_diffrn_detector.pdbx_collection_date   2011-02-18 
_diffrn_detector.details                MIRRORS 
# 
_diffrn_radiation.diffrn_id                        1 
_diffrn_radiation.wavelength_id                    1 
_diffrn_radiation.pdbx_monochromatic_or_laue_m_l   M 
_diffrn_radiation.monochromator                    ? 
_diffrn_radiation.pdbx_diffrn_protocol             'SINGLE WAVELENGTH' 
_diffrn_radiation.pdbx_scattering_type             x-ray 
# 
_diffrn_radiation_wavelength.id           1 
_diffrn_radiation_wavelength.wavelength   1.5418 
_diffrn_radiation_wavelength.wt           1.0 
# 
_diffrn_source.diffrn_id                   1 
_diffrn_source.source                      'ROTATING ANODE' 
_diffrn_source.type                        'RIGAKU FR-E+' 
_diffrn_source.pdbx_synchrotron_site       ? 
_diffrn_source.pdbx_synchrotron_beamline   ? 
_diffrn_source.pdbx_wavelength             1.5418 
_diffrn_source.pdbx_wavelength_list        ? 
# 
_reflns.pdbx_diffrn_id               1 
_reflns.pdbx_ordinal                 1 
_reflns.entry_id                     4BV7 
_reflns.observed_criterion_sigma_I   2.0 
_reflns.observed_criterion_sigma_F   ? 
_reflns.d_resolution_low             34.00 
_reflns.d_resolution_high            1.70 
_reflns.number_obs                   6648 
_reflns.number_all                   ? 
_reflns.percent_possible_obs         98.0 
_reflns.pdbx_Rmerge_I_obs            0.01 
_reflns.pdbx_Rsym_value              ? 
_reflns.pdbx_netI_over_sigmaI        8.70 
_reflns.B_iso_Wilson_estimate        ? 
_reflns.pdbx_redundancy              11 
# 
_reflns_shell.pdbx_diffrn_id         1 
_reflns_shell.pdbx_ordinal           1 
_reflns_shell.d_res_high             1.70 
_reflns_shell.d_res_low              1.74 
_reflns_shell.percent_possible_all   79.0 
_reflns_shell.Rmerge_I_obs           0.42 
_reflns_shell.pdbx_Rsym_value        ? 
_reflns_shell.meanI_over_sigI_obs    2.10 
_reflns_shell.pdbx_redundancy        4.6 
# 
_refine.pdbx_refine_id                           'X-RAY DIFFRACTION' 
_refine.entry_id                                 4BV7 
_refine.pdbx_diffrn_id                           1 
_refine.pdbx_TLS_residual_ADP_flag               ? 
_refine.ls_number_reflns_obs                     6207 
_refine.ls_number_reflns_all                     ? 
_refine.pdbx_ls_sigma_I                          ? 
_refine.pdbx_ls_sigma_F                          . 
_refine.pdbx_data_cutoff_high_absF               ? 
_refine.pdbx_data_cutoff_low_absF                ? 
_refine.pdbx_data_cutoff_high_rms_absF           ? 
_refine.ls_d_res_low                             34.39 
_refine.ls_d_res_high                            1.70 
_refine.ls_percent_reflns_obs                    96.15 
_refine.ls_R_factor_obs                          0.16782 
_refine.ls_R_factor_all                          ? 
_refine.ls_R_factor_R_work                       0.16678 
_refine.ls_R_factor_R_free                       0.18974 
_refine.ls_R_factor_R_free_error                 ? 
_refine.ls_R_factor_R_free_error_details         ? 
_refine.ls_percent_reflns_R_free                 4.7 
_refine.ls_number_reflns_R_free                  308 
_refine.ls_number_parameters                     ? 
_refine.ls_number_restraints                     ? 
_refine.occupancy_min                            ? 
_refine.occupancy_max                            ? 
_refine.correlation_coeff_Fo_to_Fc               0.955 
_refine.correlation_coeff_Fo_to_Fc_free          0.956 
_refine.B_iso_mean                               10.011 
_refine.aniso_B[1][1]                            -0.19 
_refine.aniso_B[2][2]                            -0.12 
_refine.aniso_B[3][3]                            0.31 
_refine.aniso_B[1][2]                            0.00 
_refine.aniso_B[1][3]                            0.00 
_refine.aniso_B[2][3]                            0.00 
_refine.solvent_model_details                    MASK 
_refine.solvent_model_param_ksol                 ? 
_refine.solvent_model_param_bsol                 ? 
_refine.pdbx_solvent_vdw_probe_radii             1.20 
_refine.pdbx_solvent_ion_probe_radii             0.80 
_refine.pdbx_solvent_shrinkage_radii             0.80 
_refine.pdbx_ls_cross_valid_method               THROUGHOUT 
_refine.details                                  'HYDROGENS HAVE BEEN ADDED IN THE RIDING POSITIONS.' 
_refine.pdbx_starting_model                      'PDB ENTRY 3KIV' 
_refine.pdbx_method_to_determine_struct          'MOLECULAR REPLACEMENT' 
_refine.pdbx_isotropic_thermal_model             ? 
_refine.pdbx_stereochemistry_target_values       'MAXIMUM LIKELIHOOD' 
_refine.pdbx_stereochem_target_val_spec_case     ? 
_refine.pdbx_R_Free_selection_details            RANDOM 
_refine.pdbx_overall_ESU_R                       0.143 
_refine.pdbx_overall_ESU_R_Free                  0.116 
_refine.overall_SU_ML                            ? 
_refine.pdbx_overall_phase_error                 ? 
_refine.overall_SU_B                             ? 
_refine.overall_SU_R_Cruickshank_DPI             ? 
_refine.pdbx_overall_SU_R_free_Cruickshank_DPI   ? 
_refine.pdbx_overall_SU_R_Blow_DPI               ? 
_refine.pdbx_overall_SU_R_free_Blow_DPI          ? 
# 
_refine_hist.pdbx_refine_id                   'X-RAY DIFFRACTION' 
_refine_hist.cycle_id                         LAST 
_refine_hist.pdbx_number_atoms_protein        638 
_refine_hist.pdbx_number_atoms_nucleic_acid   0 
_refine_hist.pdbx_number_atoms_ligand         19 
_refine_hist.number_atoms_solvent             93 
_refine_hist.number_atoms_total               750 
_refine_hist.d_res_high                       1.70 
_refine_hist.d_res_low                        34.39 
# 
loop_
_refine_ls_restr.type 
_refine_ls_restr.dev_ideal 
_refine_ls_restr.dev_ideal_target 
_refine_ls_restr.weight 
_refine_ls_restr.number 
_refine_ls_restr.pdbx_refine_id 
_refine_ls_restr.pdbx_restraint_function 
r_bond_refined_d             0.010  0.019  ? 690  'X-RAY DIFFRACTION' ? 
r_bond_other_d               0.000  0.020  ? 572  'X-RAY DIFFRACTION' ? 
r_angle_refined_deg          1.456  1.924  ? 939  'X-RAY DIFFRACTION' ? 
r_angle_other_deg            3.643  3.009  ? 1306 'X-RAY DIFFRACTION' ? 
r_dihedral_angle_1_deg       5.445  5.000  ? 80   'X-RAY DIFFRACTION' ? 
r_dihedral_angle_2_deg       27.651 22.703 ? 37   'X-RAY DIFFRACTION' ? 
r_dihedral_angle_3_deg       13.698 15.000 ? 97   'X-RAY DIFFRACTION' ? 
r_dihedral_angle_4_deg       9.950  15.000 ? 7    'X-RAY DIFFRACTION' ? 
r_chiral_restr               0.067  0.200  ? 91   'X-RAY DIFFRACTION' ? 
r_gen_planes_refined         0.005  0.021  ? 795  'X-RAY DIFFRACTION' ? 
r_gen_planes_other           0.007  0.020  ? 182  'X-RAY DIFFRACTION' ? 
r_nbd_refined                ?      ?      ? ?    'X-RAY DIFFRACTION' ? 
r_nbd_other                  ?      ?      ? ?    'X-RAY DIFFRACTION' ? 
r_nbtor_refined              ?      ?      ? ?    'X-RAY DIFFRACTION' ? 
r_nbtor_other                ?      ?      ? ?    'X-RAY DIFFRACTION' ? 
r_xyhbond_nbd_refined        ?      ?      ? ?    'X-RAY DIFFRACTION' ? 
r_xyhbond_nbd_other          ?      ?      ? ?    'X-RAY DIFFRACTION' ? 
r_metal_ion_refined          ?      ?      ? ?    'X-RAY DIFFRACTION' ? 
r_metal_ion_other            ?      ?      ? ?    'X-RAY DIFFRACTION' ? 
r_symmetry_vdw_refined       ?      ?      ? ?    'X-RAY DIFFRACTION' ? 
r_symmetry_vdw_other         ?      ?      ? ?    'X-RAY DIFFRACTION' ? 
r_symmetry_hbond_refined     ?      ?      ? ?    'X-RAY DIFFRACTION' ? 
r_symmetry_hbond_other       ?      ?      ? ?    'X-RAY DIFFRACTION' ? 
r_symmetry_metal_ion_refined ?      ?      ? ?    'X-RAY DIFFRACTION' ? 
r_symmetry_metal_ion_other   ?      ?      ? ?    'X-RAY DIFFRACTION' ? 
r_mcbond_it                  ?      ?      ? ?    'X-RAY DIFFRACTION' ? 
r_mcbond_other               ?      ?      ? ?    'X-RAY DIFFRACTION' ? 
r_mcangle_it                 ?      ?      ? ?    'X-RAY DIFFRACTION' ? 
r_mcangle_other              ?      ?      ? ?    'X-RAY DIFFRACTION' ? 
r_scbond_it                  ?      ?      ? ?    'X-RAY DIFFRACTION' ? 
r_scbond_other               ?      ?      ? ?    'X-RAY DIFFRACTION' ? 
r_scangle_it                 ?      ?      ? ?    'X-RAY DIFFRACTION' ? 
r_scangle_other              ?      ?      ? ?    'X-RAY DIFFRACTION' ? 
r_long_range_B_refined       ?      ?      ? ?    'X-RAY DIFFRACTION' ? 
r_long_range_B_other         ?      ?      ? ?    'X-RAY DIFFRACTION' ? 
r_rigid_bond_restr           ?      ?      ? ?    'X-RAY DIFFRACTION' ? 
r_sphericity_free            ?      ?      ? ?    'X-RAY DIFFRACTION' ? 
r_sphericity_bonded          ?      ?      ? ?    'X-RAY DIFFRACTION' ? 
# 
_refine_ls_shell.pdbx_refine_id                   'X-RAY DIFFRACTION' 
_refine_ls_shell.pdbx_total_number_of_bins_used   20 
_refine_ls_shell.d_res_high                       1.700 
_refine_ls_shell.d_res_low                        1.744 
_refine_ls_shell.number_reflns_R_work             326 
_refine_ls_shell.R_factor_R_work                  0.368 
_refine_ls_shell.percent_reflns_obs               70.23 
_refine_ls_shell.R_factor_R_free                  0.308 
_refine_ls_shell.R_factor_R_free_error            ? 
_refine_ls_shell.percent_reflns_R_free            ? 
_refine_ls_shell.number_reflns_R_free             16 
_refine_ls_shell.number_reflns_all                ? 
_refine_ls_shell.R_factor_all                     ? 
# 
_struct.entry_id                  4BV7 
_struct.title                     'Identification of small molecule inhibitors selective for apo(a) kringles KIV-7, KIV-10 and KV.' 
_struct.pdbx_model_details        ? 
_struct.pdbx_CASP_flag            ? 
_struct.pdbx_model_type_details   ? 
# 
_struct_keywords.entry_id        4BV7 
_struct_keywords.pdbx_keywords   HYDROLASE 
_struct_keywords.text            'HYDROLASE, LIPOPROTEIN(A), CARDIOVASCULAR DISEASE, DRUG DISCOVERY, OPTICAL BIOSENSORS' 
# 
loop_
_struct_asym.id 
_struct_asym.pdbx_blank_PDB_chainid_flag 
_struct_asym.pdbx_modified 
_struct_asym.entity_id 
_struct_asym.details 
A N N 1 ? 
B N N 2 ? 
C N N 2 ? 
D N N 3 ? 
E N N 4 ? 
# 
_struct_ref.id                         1 
_struct_ref.db_name                    UNP 
_struct_ref.db_code                    APOA_HUMAN 
_struct_ref.entity_id                  1 
_struct_ref.pdbx_seq_one_letter_code   ? 
_struct_ref.pdbx_align_begin           ? 
_struct_ref.pdbx_db_accession          P08519 
_struct_ref.pdbx_db_isoform            ? 
# 
_struct_ref_seq.align_id                      1 
_struct_ref_seq.ref_id                        1 
_struct_ref_seq.pdbx_PDB_id_code              4BV7 
_struct_ref_seq.pdbx_strand_id                A 
_struct_ref_seq.seq_align_beg                 1 
_struct_ref_seq.pdbx_seq_align_beg_ins_code   ? 
_struct_ref_seq.seq_align_end                 79 
_struct_ref_seq.pdbx_seq_align_end_ins_code   ? 
_struct_ref_seq.pdbx_db_accession             P08519 
_struct_ref_seq.db_align_beg                  4123 
_struct_ref_seq.pdbx_db_align_beg_ins_code    ? 
_struct_ref_seq.db_align_end                  4201 
_struct_ref_seq.pdbx_db_align_end_ins_code    ? 
_struct_ref_seq.pdbx_auth_seq_align_beg       0 
_struct_ref_seq.pdbx_auth_seq_align_end       80 
# 
_struct_ref_seq_dif.align_id                     1 
_struct_ref_seq_dif.pdbx_pdb_id_code             4BV7 
_struct_ref_seq_dif.mon_id                       ALA 
_struct_ref_seq_dif.pdbx_pdb_strand_id           A 
_struct_ref_seq_dif.seq_num                      75 
_struct_ref_seq_dif.pdbx_pdb_ins_code            ? 
_struct_ref_seq_dif.pdbx_seq_db_name             UNP 
_struct_ref_seq_dif.pdbx_seq_db_accession_code   P08519 
_struct_ref_seq_dif.db_mon_id                    ASN 
_struct_ref_seq_dif.pdbx_seq_db_seq_num          4197 
_struct_ref_seq_dif.details                      'engineered mutation' 
_struct_ref_seq_dif.pdbx_auth_seq_num            76 
_struct_ref_seq_dif.pdbx_ordinal                 1 
# 
_pdbx_struct_assembly.id                   1 
_pdbx_struct_assembly.details              author_and_software_defined_assembly 
_pdbx_struct_assembly.method_details       PISA 
_pdbx_struct_assembly.oligomeric_details   monomeric 
_pdbx_struct_assembly.oligomeric_count     1 
# 
_pdbx_struct_assembly_gen.assembly_id       1 
_pdbx_struct_assembly_gen.oper_expression   1 
_pdbx_struct_assembly_gen.asym_id_list      A,B,C,D,E 
# 
_pdbx_struct_oper_list.id                   1 
_pdbx_struct_oper_list.type                 'identity operation' 
_pdbx_struct_oper_list.name                 1_555 
_pdbx_struct_oper_list.symmetry_operation   x,y,z 
_pdbx_struct_oper_list.matrix[1][1]         1.0000000000 
_pdbx_struct_oper_list.matrix[1][2]         0.0000000000 
_pdbx_struct_oper_list.matrix[1][3]         0.0000000000 
_pdbx_struct_oper_list.vector[1]            0.0000000000 
_pdbx_struct_oper_list.matrix[2][1]         0.0000000000 
_pdbx_struct_oper_list.matrix[2][2]         1.0000000000 
_pdbx_struct_oper_list.matrix[2][3]         0.0000000000 
_pdbx_struct_oper_list.vector[2]            0.0000000000 
_pdbx_struct_oper_list.matrix[3][1]         0.0000000000 
_pdbx_struct_oper_list.matrix[3][2]         0.0000000000 
_pdbx_struct_oper_list.matrix[3][3]         1.0000000000 
_pdbx_struct_oper_list.vector[3]            0.0000000000 
# 
_struct_biol.id   1 
# 
loop_
_struct_conn.id 
_struct_conn.conn_type_id 
_struct_conn.pdbx_leaving_atom_flag 
_struct_conn.pdbx_PDB_id 
_struct_conn.ptnr1_label_asym_id 
_struct_conn.ptnr1_label_comp_id 
_struct_conn.ptnr1_label_seq_id 
_struct_conn.ptnr1_label_atom_id 
_struct_conn.pdbx_ptnr1_label_alt_id 
_struct_conn.pdbx_ptnr1_PDB_ins_code 
_struct_conn.pdbx_ptnr1_standard_comp_id 
_struct_conn.ptnr1_symmetry 
_struct_conn.ptnr2_label_asym_id 
_struct_conn.ptnr2_label_comp_id 
_struct_conn.ptnr2_label_seq_id 
_struct_conn.ptnr2_label_atom_id 
_struct_conn.pdbx_ptnr2_label_alt_id 
_struct_conn.pdbx_ptnr2_PDB_ins_code 
_struct_conn.ptnr1_auth_asym_id 
_struct_conn.ptnr1_auth_comp_id 
_struct_conn.ptnr1_auth_seq_id 
_struct_conn.ptnr2_auth_asym_id 
_struct_conn.ptnr2_auth_comp_id 
_struct_conn.ptnr2_auth_seq_id 
_struct_conn.ptnr2_symmetry 
_struct_conn.pdbx_ptnr3_label_atom_id 
_struct_conn.pdbx_ptnr3_label_seq_id 
_struct_conn.pdbx_ptnr3_label_comp_id 
_struct_conn.pdbx_ptnr3_label_asym_id 
_struct_conn.pdbx_ptnr3_label_alt_id 
_struct_conn.pdbx_ptnr3_PDB_ins_code 
_struct_conn.details 
_struct_conn.pdbx_dist_value 
_struct_conn.pdbx_value_order 
_struct_conn.pdbx_role 
disulf1 disulf ? ? A CYS 2  SG ? ? ? 1_555 A CYS 79 SG ? ? A CYS 1  A CYS 80 1_555 ? ? ? ? ? ? ? 2.018 ? ? 
disulf2 disulf ? ? A CYS 23 SG ? ? ? 1_555 A CYS 62 SG ? ? A CYS 22 A CYS 63 1_555 ? ? ? ? ? ? ? 2.014 ? ? 
disulf3 disulf ? ? A CYS 51 SG ? ? ? 1_555 A CYS 74 SG ? ? A CYS 51 A CYS 75 1_555 ? ? ? ? ? ? ? 2.002 ? ? 
# 
_struct_conn_type.id          disulf 
_struct_conn_type.criteria    ? 
_struct_conn_type.reference   ? 
# 
loop_
_pdbx_modification_feature.ordinal 
_pdbx_modification_feature.label_comp_id 
_pdbx_modification_feature.label_asym_id 
_pdbx_modification_feature.label_seq_id 
_pdbx_modification_feature.label_alt_id 
_pdbx_modification_feature.modified_residue_label_comp_id 
_pdbx_modification_feature.modified_residue_label_asym_id 
_pdbx_modification_feature.modified_residue_label_seq_id 
_pdbx_modification_feature.modified_residue_label_alt_id 
_pdbx_modification_feature.auth_comp_id 
_pdbx_modification_feature.auth_asym_id 
_pdbx_modification_feature.auth_seq_id 
_pdbx_modification_feature.PDB_ins_code 
_pdbx_modification_feature.symmetry 
_pdbx_modification_feature.modified_residue_auth_comp_id 
_pdbx_modification_feature.modified_residue_auth_asym_id 
_pdbx_modification_feature.modified_residue_auth_seq_id 
_pdbx_modification_feature.modified_residue_PDB_ins_code 
_pdbx_modification_feature.modified_residue_symmetry 
_pdbx_modification_feature.comp_id_linking_atom 
_pdbx_modification_feature.modified_residue_id_linking_atom 
_pdbx_modification_feature.modified_residue_id 
_pdbx_modification_feature.ref_pcm_id 
_pdbx_modification_feature.ref_comp_id 
_pdbx_modification_feature.type 
_pdbx_modification_feature.category 
1 CYS A 2  ? CYS A 79 ? CYS A 1  ? 1_555 CYS A 80 ? 1_555 SG SG . . . None 'Disulfide bridge' 
2 CYS A 23 ? CYS A 62 ? CYS A 22 ? 1_555 CYS A 63 ? 1_555 SG SG . . . None 'Disulfide bridge' 
3 CYS A 51 ? CYS A 74 ? CYS A 51 ? 1_555 CYS A 75 ? 1_555 SG SG . . . None 'Disulfide bridge' 
# 
_struct_mon_prot_cis.pdbx_id                1 
_struct_mon_prot_cis.label_comp_id          THR 
_struct_mon_prot_cis.label_seq_id           30 
_struct_mon_prot_cis.label_asym_id          A 
_struct_mon_prot_cis.label_alt_id           . 
_struct_mon_prot_cis.pdbx_PDB_ins_code      ? 
_struct_mon_prot_cis.auth_comp_id           THR 
_struct_mon_prot_cis.auth_seq_id            29 
_struct_mon_prot_cis.auth_asym_id           A 
_struct_mon_prot_cis.pdbx_label_comp_id_2   PRO 
_struct_mon_prot_cis.pdbx_label_seq_id_2    31 
_struct_mon_prot_cis.pdbx_label_asym_id_2   A 
_struct_mon_prot_cis.pdbx_PDB_ins_code_2    ? 
_struct_mon_prot_cis.pdbx_auth_comp_id_2    PRO 
_struct_mon_prot_cis.pdbx_auth_seq_id_2     30 
_struct_mon_prot_cis.pdbx_auth_asym_id_2    A 
_struct_mon_prot_cis.pdbx_PDB_model_num     1 
_struct_mon_prot_cis.pdbx_omega_angle       -2.19 
# 
loop_
_struct_sheet.id 
_struct_sheet.type 
_struct_sheet.number_strands 
_struct_sheet.details 
AA ? 2 ? 
AB ? 2 ? 
# 
loop_
_struct_sheet_order.sheet_id 
_struct_sheet_order.range_id_1 
_struct_sheet_order.range_id_2 
_struct_sheet_order.offset 
_struct_sheet_order.sense 
AA 1 2 ? parallel      
AB 1 2 ? anti-parallel 
# 
loop_
_struct_sheet_range.sheet_id 
_struct_sheet_range.id 
_struct_sheet_range.beg_label_comp_id 
_struct_sheet_range.beg_label_asym_id 
_struct_sheet_range.beg_label_seq_id 
_struct_sheet_range.pdbx_beg_PDB_ins_code 
_struct_sheet_range.end_label_comp_id 
_struct_sheet_range.end_label_asym_id 
_struct_sheet_range.end_label_seq_id 
_struct_sheet_range.pdbx_end_PDB_ins_code 
_struct_sheet_range.beg_auth_comp_id 
_struct_sheet_range.beg_auth_asym_id 
_struct_sheet_range.beg_auth_seq_id 
_struct_sheet_range.end_auth_comp_id 
_struct_sheet_range.end_auth_asym_id 
_struct_sheet_range.end_auth_seq_id 
AA 1 CYS A 2  ? TYR A 3  ? CYS A 1  TYR A 2  
AA 2 THR A 77 ? ARG A 78 ? THR A 78 ARG A 79 
AB 1 TRP A 61 ? PHE A 63 ? TRP A 62 PHE A 64 
AB 2 TRP A 71 ? TYR A 73 ? TRP A 72 TYR A 74 
# 
loop_
_pdbx_struct_sheet_hbond.sheet_id 
_pdbx_struct_sheet_hbond.range_id_1 
_pdbx_struct_sheet_hbond.range_id_2 
_pdbx_struct_sheet_hbond.range_1_label_atom_id 
_pdbx_struct_sheet_hbond.range_1_label_comp_id 
_pdbx_struct_sheet_hbond.range_1_label_asym_id 
_pdbx_struct_sheet_hbond.range_1_label_seq_id 
_pdbx_struct_sheet_hbond.range_1_PDB_ins_code 
_pdbx_struct_sheet_hbond.range_1_auth_atom_id 
_pdbx_struct_sheet_hbond.range_1_auth_comp_id 
_pdbx_struct_sheet_hbond.range_1_auth_asym_id 
_pdbx_struct_sheet_hbond.range_1_auth_seq_id 
_pdbx_struct_sheet_hbond.range_2_label_atom_id 
_pdbx_struct_sheet_hbond.range_2_label_comp_id 
_pdbx_struct_sheet_hbond.range_2_label_asym_id 
_pdbx_struct_sheet_hbond.range_2_label_seq_id 
_pdbx_struct_sheet_hbond.range_2_PDB_ins_code 
_pdbx_struct_sheet_hbond.range_2_auth_atom_id 
_pdbx_struct_sheet_hbond.range_2_auth_comp_id 
_pdbx_struct_sheet_hbond.range_2_auth_asym_id 
_pdbx_struct_sheet_hbond.range_2_auth_seq_id 
AA 1 2 N TYR A 3  ? N TYR A 2  O THR A 77 ? O THR A 78 
AB 1 2 N CYS A 62 ? N CYS A 63 O GLU A 72 ? O GLU A 73 
# 
loop_
_struct_site.id 
_struct_site.pdbx_evidence_code 
_struct_site.pdbx_auth_asym_id 
_struct_site.pdbx_auth_comp_id 
_struct_site.pdbx_auth_seq_id 
_struct_site.pdbx_auth_ins_code 
_struct_site.pdbx_num_residues 
_struct_site.details 
AC1 Software A ACT 1081 ? 5 'BINDING SITE FOR RESIDUE ACT A 1081' 
AC2 Software A ACT 1082 ? 4 'BINDING SITE FOR RESIDUE ACT A 1082' 
AC3 Software A BV7 1083 ? 9 'BINDING SITE FOR RESIDUE BV7 A 1083' 
# 
loop_
_struct_site_gen.id 
_struct_site_gen.site_id 
_struct_site_gen.pdbx_num_res 
_struct_site_gen.label_comp_id 
_struct_site_gen.label_asym_id 
_struct_site_gen.label_seq_id 
_struct_site_gen.pdbx_auth_ins_code 
_struct_site_gen.auth_comp_id 
_struct_site_gen.auth_asym_id 
_struct_site_gen.auth_seq_id 
_struct_site_gen.label_atom_id 
_struct_site_gen.label_alt_id 
_struct_site_gen.symmetry 
_struct_site_gen.details 
1  AC1 5 ARG A 21 ? ARG A 20   . ? 1_555 ? 
2  AC1 5 MET A 48 ? MET A 48   . ? 3_554 ? 
3  AC1 5 TYR A 50 ? TYR A 50   . ? 3_554 ? 
4  AC1 5 HOH E .  ? HOH A 2024 . ? 3_454 ? 
5  AC1 5 HOH E .  ? HOH A 2092 . ? 1_555 ? 
6  AC2 4 HIS A 32 ? HIS A 31   . ? 1_555 ? 
7  AC2 4 ARG A 33 ? ARG A 32   . ? 1_555 ? 
8  AC2 4 ARG A 70 ? ARG A 71   . ? 1_555 ? 
9  AC2 4 HOH E .  ? HOH A 2086 . ? 4_555 ? 
10 AC3 9 ASP A 55 ? ASP A 55   . ? 1_555 ? 
11 AC3 9 ASP A 57 ? ASP A 57   . ? 1_555 ? 
12 AC3 9 TRP A 61 ? TRP A 62   . ? 1_555 ? 
13 AC3 9 PHE A 63 ? PHE A 64   . ? 1_555 ? 
14 AC3 9 PRO A 67 ? PRO A 68   . ? 4_455 ? 
15 AC3 9 ARG A 70 ? ARG A 71   . ? 1_555 ? 
16 AC3 9 TRP A 71 ? TRP A 72   . ? 1_555 ? 
17 AC3 9 HOH E .  ? HOH A 2058 . ? 1_555 ? 
18 AC3 9 HOH E .  ? HOH A 2093 . ? 1_555 ? 
# 
_pdbx_entry_details.entry_id                   4BV7 
_pdbx_entry_details.compound_details           ? 
_pdbx_entry_details.source_details             ? 
_pdbx_entry_details.nonpolymer_details         ? 
_pdbx_entry_details.sequence_details           ? 
_pdbx_entry_details.has_ligand_of_interest     ? 
_pdbx_entry_details.has_protein_modification   Y 
# 
loop_
_pdbx_validate_torsion.id 
_pdbx_validate_torsion.PDB_model_num 
_pdbx_validate_torsion.auth_comp_id 
_pdbx_validate_torsion.auth_asym_id 
_pdbx_validate_torsion.auth_seq_id 
_pdbx_validate_torsion.PDB_ins_code 
_pdbx_validate_torsion.label_alt_id 
_pdbx_validate_torsion.phi 
_pdbx_validate_torsion.psi 
1 1 SER A 14 ? ? -147.98 35.70   
2 1 MET A 48 ? ? 45.04   -127.60 
3 1 ASP A 57 ? ? -79.72  -159.07 
# 
loop_
_chem_comp_atom.comp_id 
_chem_comp_atom.atom_id 
_chem_comp_atom.type_symbol 
_chem_comp_atom.pdbx_aromatic_flag 
_chem_comp_atom.pdbx_stereo_config 
_chem_comp_atom.pdbx_ordinal 
ACT C    C N N 1   
ACT O    O N N 2   
ACT OXT  O N N 3   
ACT CH3  C N N 4   
ACT H1   H N N 5   
ACT H2   H N N 6   
ACT H3   H N N 7   
ALA N    N N N 8   
ALA CA   C N S 9   
ALA C    C N N 10  
ALA O    O N N 11  
ALA CB   C N N 12  
ALA OXT  O N N 13  
ALA H    H N N 14  
ALA H2   H N N 15  
ALA HA   H N N 16  
ALA HB1  H N N 17  
ALA HB2  H N N 18  
ALA HB3  H N N 19  
ALA HXT  H N N 20  
ARG N    N N N 21  
ARG CA   C N S 22  
ARG C    C N N 23  
ARG O    O N N 24  
ARG CB   C N N 25  
ARG CG   C N N 26  
ARG CD   C N N 27  
ARG NE   N N N 28  
ARG CZ   C N N 29  
ARG NH1  N N N 30  
ARG NH2  N N N 31  
ARG OXT  O N N 32  
ARG H    H N N 33  
ARG H2   H N N 34  
ARG HA   H N N 35  
ARG HB2  H N N 36  
ARG HB3  H N N 37  
ARG HG2  H N N 38  
ARG HG3  H N N 39  
ARG HD2  H N N 40  
ARG HD3  H N N 41  
ARG HE   H N N 42  
ARG HH11 H N N 43  
ARG HH12 H N N 44  
ARG HH21 H N N 45  
ARG HH22 H N N 46  
ARG HXT  H N N 47  
ASN N    N N N 48  
ASN CA   C N S 49  
ASN C    C N N 50  
ASN O    O N N 51  
ASN CB   C N N 52  
ASN CG   C N N 53  
ASN OD1  O N N 54  
ASN ND2  N N N 55  
ASN OXT  O N N 56  
ASN H    H N N 57  
ASN H2   H N N 58  
ASN HA   H N N 59  
ASN HB2  H N N 60  
ASN HB3  H N N 61  
ASN HD21 H N N 62  
ASN HD22 H N N 63  
ASN HXT  H N N 64  
ASP N    N N N 65  
ASP CA   C N S 66  
ASP C    C N N 67  
ASP O    O N N 68  
ASP CB   C N N 69  
ASP CG   C N N 70  
ASP OD1  O N N 71  
ASP OD2  O N N 72  
ASP OXT  O N N 73  
ASP H    H N N 74  
ASP H2   H N N 75  
ASP HA   H N N 76  
ASP HB2  H N N 77  
ASP HB3  H N N 78  
ASP HD2  H N N 79  
ASP HXT  H N N 80  
BV7 C1   C N N 81  
BV7 C2   C N N 82  
BV7 N3   N N N 83  
BV7 C4   C N N 84  
BV7 C5   C N N 85  
BV7 C6   C N N 86  
BV7 C7   C N N 87  
BV7 C8   C N N 88  
BV7 C9   C N N 89  
BV7 O10  O N N 90  
BV7 O11  O N N 91  
BV7 H11C H N N 92  
BV7 H12C H N N 93  
BV7 H21C H N N 94  
BV7 H22C H N N 95  
BV7 H6   H N N 96  
BV7 H3   H N N 97  
BV7 H41C H N N 98  
BV7 H42C H N N 99  
BV7 H51C H N N 100 
BV7 H52C H N N 101 
BV7 H71C H N N 102 
BV7 H72C H N N 103 
BV7 H81C H N N 104 
BV7 H82C H N N 105 
BV7 H11  H N N 106 
CYS N    N N N 107 
CYS CA   C N R 108 
CYS C    C N N 109 
CYS O    O N N 110 
CYS CB   C N N 111 
CYS SG   S N N 112 
CYS OXT  O N N 113 
CYS H    H N N 114 
CYS H2   H N N 115 
CYS HA   H N N 116 
CYS HB2  H N N 117 
CYS HB3  H N N 118 
CYS HG   H N N 119 
CYS HXT  H N N 120 
GLN N    N N N 121 
GLN CA   C N S 122 
GLN C    C N N 123 
GLN O    O N N 124 
GLN CB   C N N 125 
GLN CG   C N N 126 
GLN CD   C N N 127 
GLN OE1  O N N 128 
GLN NE2  N N N 129 
GLN OXT  O N N 130 
GLN H    H N N 131 
GLN H2   H N N 132 
GLN HA   H N N 133 
GLN HB2  H N N 134 
GLN HB3  H N N 135 
GLN HG2  H N N 136 
GLN HG3  H N N 137 
GLN HE21 H N N 138 
GLN HE22 H N N 139 
GLN HXT  H N N 140 
GLU N    N N N 141 
GLU CA   C N S 142 
GLU C    C N N 143 
GLU O    O N N 144 
GLU CB   C N N 145 
GLU CG   C N N 146 
GLU CD   C N N 147 
GLU OE1  O N N 148 
GLU OE2  O N N 149 
GLU OXT  O N N 150 
GLU H    H N N 151 
GLU H2   H N N 152 
GLU HA   H N N 153 
GLU HB2  H N N 154 
GLU HB3  H N N 155 
GLU HG2  H N N 156 
GLU HG3  H N N 157 
GLU HE2  H N N 158 
GLU HXT  H N N 159 
GLY N    N N N 160 
GLY CA   C N N 161 
GLY C    C N N 162 
GLY O    O N N 163 
GLY OXT  O N N 164 
GLY H    H N N 165 
GLY H2   H N N 166 
GLY HA2  H N N 167 
GLY HA3  H N N 168 
GLY HXT  H N N 169 
HIS N    N N N 170 
HIS CA   C N S 171 
HIS C    C N N 172 
HIS O    O N N 173 
HIS CB   C N N 174 
HIS CG   C Y N 175 
HIS ND1  N Y N 176 
HIS CD2  C Y N 177 
HIS CE1  C Y N 178 
HIS NE2  N Y N 179 
HIS OXT  O N N 180 
HIS H    H N N 181 
HIS H2   H N N 182 
HIS HA   H N N 183 
HIS HB2  H N N 184 
HIS HB3  H N N 185 
HIS HD1  H N N 186 
HIS HD2  H N N 187 
HIS HE1  H N N 188 
HIS HE2  H N N 189 
HIS HXT  H N N 190 
HOH O    O N N 191 
HOH H1   H N N 192 
HOH H2   H N N 193 
ILE N    N N N 194 
ILE CA   C N S 195 
ILE C    C N N 196 
ILE O    O N N 197 
ILE CB   C N S 198 
ILE CG1  C N N 199 
ILE CG2  C N N 200 
ILE CD1  C N N 201 
ILE OXT  O N N 202 
ILE H    H N N 203 
ILE H2   H N N 204 
ILE HA   H N N 205 
ILE HB   H N N 206 
ILE HG12 H N N 207 
ILE HG13 H N N 208 
ILE HG21 H N N 209 
ILE HG22 H N N 210 
ILE HG23 H N N 211 
ILE HD11 H N N 212 
ILE HD12 H N N 213 
ILE HD13 H N N 214 
ILE HXT  H N N 215 
LEU N    N N N 216 
LEU CA   C N S 217 
LEU C    C N N 218 
LEU O    O N N 219 
LEU CB   C N N 220 
LEU CG   C N N 221 
LEU CD1  C N N 222 
LEU CD2  C N N 223 
LEU OXT  O N N 224 
LEU H    H N N 225 
LEU H2   H N N 226 
LEU HA   H N N 227 
LEU HB2  H N N 228 
LEU HB3  H N N 229 
LEU HG   H N N 230 
LEU HD11 H N N 231 
LEU HD12 H N N 232 
LEU HD13 H N N 233 
LEU HD21 H N N 234 
LEU HD22 H N N 235 
LEU HD23 H N N 236 
LEU HXT  H N N 237 
MET N    N N N 238 
MET CA   C N S 239 
MET C    C N N 240 
MET O    O N N 241 
MET CB   C N N 242 
MET CG   C N N 243 
MET SD   S N N 244 
MET CE   C N N 245 
MET OXT  O N N 246 
MET H    H N N 247 
MET H2   H N N 248 
MET HA   H N N 249 
MET HB2  H N N 250 
MET HB3  H N N 251 
MET HG2  H N N 252 
MET HG3  H N N 253 
MET HE1  H N N 254 
MET HE2  H N N 255 
MET HE3  H N N 256 
MET HXT  H N N 257 
PHE N    N N N 258 
PHE CA   C N S 259 
PHE C    C N N 260 
PHE O    O N N 261 
PHE CB   C N N 262 
PHE CG   C Y N 263 
PHE CD1  C Y N 264 
PHE CD2  C Y N 265 
PHE CE1  C Y N 266 
PHE CE2  C Y N 267 
PHE CZ   C Y N 268 
PHE OXT  O N N 269 
PHE H    H N N 270 
PHE H2   H N N 271 
PHE HA   H N N 272 
PHE HB2  H N N 273 
PHE HB3  H N N 274 
PHE HD1  H N N 275 
PHE HD2  H N N 276 
PHE HE1  H N N 277 
PHE HE2  H N N 278 
PHE HZ   H N N 279 
PHE HXT  H N N 280 
PRO N    N N N 281 
PRO CA   C N S 282 
PRO C    C N N 283 
PRO O    O N N 284 
PRO CB   C N N 285 
PRO CG   C N N 286 
PRO CD   C N N 287 
PRO OXT  O N N 288 
PRO H    H N N 289 
PRO HA   H N N 290 
PRO HB2  H N N 291 
PRO HB3  H N N 292 
PRO HG2  H N N 293 
PRO HG3  H N N 294 
PRO HD2  H N N 295 
PRO HD3  H N N 296 
PRO HXT  H N N 297 
SER N    N N N 298 
SER CA   C N S 299 
SER C    C N N 300 
SER O    O N N 301 
SER CB   C N N 302 
SER OG   O N N 303 
SER OXT  O N N 304 
SER H    H N N 305 
SER H2   H N N 306 
SER HA   H N N 307 
SER HB2  H N N 308 
SER HB3  H N N 309 
SER HG   H N N 310 
SER HXT  H N N 311 
THR N    N N N 312 
THR CA   C N S 313 
THR C    C N N 314 
THR O    O N N 315 
THR CB   C N R 316 
THR OG1  O N N 317 
THR CG2  C N N 318 
THR OXT  O N N 319 
THR H    H N N 320 
THR H2   H N N 321 
THR HA   H N N 322 
THR HB   H N N 323 
THR HG1  H N N 324 
THR HG21 H N N 325 
THR HG22 H N N 326 
THR HG23 H N N 327 
THR HXT  H N N 328 
TRP N    N N N 329 
TRP CA   C N S 330 
TRP C    C N N 331 
TRP O    O N N 332 
TRP CB   C N N 333 
TRP CG   C Y N 334 
TRP CD1  C Y N 335 
TRP CD2  C Y N 336 
TRP NE1  N Y N 337 
TRP CE2  C Y N 338 
TRP CE3  C Y N 339 
TRP CZ2  C Y N 340 
TRP CZ3  C Y N 341 
TRP CH2  C Y N 342 
TRP OXT  O N N 343 
TRP H    H N N 344 
TRP H2   H N N 345 
TRP HA   H N N 346 
TRP HB2  H N N 347 
TRP HB3  H N N 348 
TRP HD1  H N N 349 
TRP HE1  H N N 350 
TRP HE3  H N N 351 
TRP HZ2  H N N 352 
TRP HZ3  H N N 353 
TRP HH2  H N N 354 
TRP HXT  H N N 355 
TYR N    N N N 356 
TYR CA   C N S 357 
TYR C    C N N 358 
TYR O    O N N 359 
TYR CB   C N N 360 
TYR CG   C Y N 361 
TYR CD1  C Y N 362 
TYR CD2  C Y N 363 
TYR CE1  C Y N 364 
TYR CE2  C Y N 365 
TYR CZ   C Y N 366 
TYR OH   O N N 367 
TYR OXT  O N N 368 
TYR H    H N N 369 
TYR H2   H N N 370 
TYR HA   H N N 371 
TYR HB2  H N N 372 
TYR HB3  H N N 373 
TYR HD1  H N N 374 
TYR HD2  H N N 375 
TYR HE1  H N N 376 
TYR HE2  H N N 377 
TYR HH   H N N 378 
TYR HXT  H N N 379 
VAL N    N N N 380 
VAL CA   C N S 381 
VAL C    C N N 382 
VAL O    O N N 383 
VAL CB   C N N 384 
VAL CG1  C N N 385 
VAL CG2  C N N 386 
VAL OXT  O N N 387 
VAL H    H N N 388 
VAL H2   H N N 389 
VAL HA   H N N 390 
VAL HB   H N N 391 
VAL HG11 H N N 392 
VAL HG12 H N N 393 
VAL HG13 H N N 394 
VAL HG21 H N N 395 
VAL HG22 H N N 396 
VAL HG23 H N N 397 
VAL HXT  H N N 398 
# 
loop_
_chem_comp_bond.comp_id 
_chem_comp_bond.atom_id_1 
_chem_comp_bond.atom_id_2 
_chem_comp_bond.value_order 
_chem_comp_bond.pdbx_aromatic_flag 
_chem_comp_bond.pdbx_stereo_config 
_chem_comp_bond.pdbx_ordinal 
ACT C   O    doub N N 1   
ACT C   OXT  sing N N 2   
ACT C   CH3  sing N N 3   
ACT CH3 H1   sing N N 4   
ACT CH3 H2   sing N N 5   
ACT CH3 H3   sing N N 6   
ALA N   CA   sing N N 7   
ALA N   H    sing N N 8   
ALA N   H2   sing N N 9   
ALA CA  C    sing N N 10  
ALA CA  CB   sing N N 11  
ALA CA  HA   sing N N 12  
ALA C   O    doub N N 13  
ALA C   OXT  sing N N 14  
ALA CB  HB1  sing N N 15  
ALA CB  HB2  sing N N 16  
ALA CB  HB3  sing N N 17  
ALA OXT HXT  sing N N 18  
ARG N   CA   sing N N 19  
ARG N   H    sing N N 20  
ARG N   H2   sing N N 21  
ARG CA  C    sing N N 22  
ARG CA  CB   sing N N 23  
ARG CA  HA   sing N N 24  
ARG C   O    doub N N 25  
ARG C   OXT  sing N N 26  
ARG CB  CG   sing N N 27  
ARG CB  HB2  sing N N 28  
ARG CB  HB3  sing N N 29  
ARG CG  CD   sing N N 30  
ARG CG  HG2  sing N N 31  
ARG CG  HG3  sing N N 32  
ARG CD  NE   sing N N 33  
ARG CD  HD2  sing N N 34  
ARG CD  HD3  sing N N 35  
ARG NE  CZ   sing N N 36  
ARG NE  HE   sing N N 37  
ARG CZ  NH1  sing N N 38  
ARG CZ  NH2  doub N N 39  
ARG NH1 HH11 sing N N 40  
ARG NH1 HH12 sing N N 41  
ARG NH2 HH21 sing N N 42  
ARG NH2 HH22 sing N N 43  
ARG OXT HXT  sing N N 44  
ASN N   CA   sing N N 45  
ASN N   H    sing N N 46  
ASN N   H2   sing N N 47  
ASN CA  C    sing N N 48  
ASN CA  CB   sing N N 49  
ASN CA  HA   sing N N 50  
ASN C   O    doub N N 51  
ASN C   OXT  sing N N 52  
ASN CB  CG   sing N N 53  
ASN CB  HB2  sing N N 54  
ASN CB  HB3  sing N N 55  
ASN CG  OD1  doub N N 56  
ASN CG  ND2  sing N N 57  
ASN ND2 HD21 sing N N 58  
ASN ND2 HD22 sing N N 59  
ASN OXT HXT  sing N N 60  
ASP N   CA   sing N N 61  
ASP N   H    sing N N 62  
ASP N   H2   sing N N 63  
ASP CA  C    sing N N 64  
ASP CA  CB   sing N N 65  
ASP CA  HA   sing N N 66  
ASP C   O    doub N N 67  
ASP C   OXT  sing N N 68  
ASP CB  CG   sing N N 69  
ASP CB  HB2  sing N N 70  
ASP CB  HB3  sing N N 71  
ASP CG  OD1  doub N N 72  
ASP CG  OD2  sing N N 73  
ASP OD2 HD2  sing N N 74  
ASP OXT HXT  sing N N 75  
BV7 C1  C2   sing N N 76  
BV7 C1  C6   sing N N 77  
BV7 C2  N3   sing N N 78  
BV7 N3  C4   sing N N 79  
BV7 C4  C5   sing N N 80  
BV7 C5  C6   sing N N 81  
BV7 C6  C7   sing N N 82  
BV7 C7  C8   sing N N 83  
BV7 C8  C9   sing N N 84  
BV7 C9  O10  doub N N 85  
BV7 C9  O11  sing N N 86  
BV7 C1  H11C sing N N 87  
BV7 C1  H12C sing N N 88  
BV7 C2  H21C sing N N 89  
BV7 C2  H22C sing N N 90  
BV7 C6  H6   sing N N 91  
BV7 N3  H3   sing N N 92  
BV7 C4  H41C sing N N 93  
BV7 C4  H42C sing N N 94  
BV7 C5  H51C sing N N 95  
BV7 C5  H52C sing N N 96  
BV7 C7  H71C sing N N 97  
BV7 C7  H72C sing N N 98  
BV7 C8  H81C sing N N 99  
BV7 C8  H82C sing N N 100 
BV7 O11 H11  sing N N 101 
CYS N   CA   sing N N 102 
CYS N   H    sing N N 103 
CYS N   H2   sing N N 104 
CYS CA  C    sing N N 105 
CYS CA  CB   sing N N 106 
CYS CA  HA   sing N N 107 
CYS C   O    doub N N 108 
CYS C   OXT  sing N N 109 
CYS CB  SG   sing N N 110 
CYS CB  HB2  sing N N 111 
CYS CB  HB3  sing N N 112 
CYS SG  HG   sing N N 113 
CYS OXT HXT  sing N N 114 
GLN N   CA   sing N N 115 
GLN N   H    sing N N 116 
GLN N   H2   sing N N 117 
GLN CA  C    sing N N 118 
GLN CA  CB   sing N N 119 
GLN CA  HA   sing N N 120 
GLN C   O    doub N N 121 
GLN C   OXT  sing N N 122 
GLN CB  CG   sing N N 123 
GLN CB  HB2  sing N N 124 
GLN CB  HB3  sing N N 125 
GLN CG  CD   sing N N 126 
GLN CG  HG2  sing N N 127 
GLN CG  HG3  sing N N 128 
GLN CD  OE1  doub N N 129 
GLN CD  NE2  sing N N 130 
GLN NE2 HE21 sing N N 131 
GLN NE2 HE22 sing N N 132 
GLN OXT HXT  sing N N 133 
GLU N   CA   sing N N 134 
GLU N   H    sing N N 135 
GLU N   H2   sing N N 136 
GLU CA  C    sing N N 137 
GLU CA  CB   sing N N 138 
GLU CA  HA   sing N N 139 
GLU C   O    doub N N 140 
GLU C   OXT  sing N N 141 
GLU CB  CG   sing N N 142 
GLU CB  HB2  sing N N 143 
GLU CB  HB3  sing N N 144 
GLU CG  CD   sing N N 145 
GLU CG  HG2  sing N N 146 
GLU CG  HG3  sing N N 147 
GLU CD  OE1  doub N N 148 
GLU CD  OE2  sing N N 149 
GLU OE2 HE2  sing N N 150 
GLU OXT HXT  sing N N 151 
GLY N   CA   sing N N 152 
GLY N   H    sing N N 153 
GLY N   H2   sing N N 154 
GLY CA  C    sing N N 155 
GLY CA  HA2  sing N N 156 
GLY CA  HA3  sing N N 157 
GLY C   O    doub N N 158 
GLY C   OXT  sing N N 159 
GLY OXT HXT  sing N N 160 
HIS N   CA   sing N N 161 
HIS N   H    sing N N 162 
HIS N   H2   sing N N 163 
HIS CA  C    sing N N 164 
HIS CA  CB   sing N N 165 
HIS CA  HA   sing N N 166 
HIS C   O    doub N N 167 
HIS C   OXT  sing N N 168 
HIS CB  CG   sing N N 169 
HIS CB  HB2  sing N N 170 
HIS CB  HB3  sing N N 171 
HIS CG  ND1  sing Y N 172 
HIS CG  CD2  doub Y N 173 
HIS ND1 CE1  doub Y N 174 
HIS ND1 HD1  sing N N 175 
HIS CD2 NE2  sing Y N 176 
HIS CD2 HD2  sing N N 177 
HIS CE1 NE2  sing Y N 178 
HIS CE1 HE1  sing N N 179 
HIS NE2 HE2  sing N N 180 
HIS OXT HXT  sing N N 181 
HOH O   H1   sing N N 182 
HOH O   H2   sing N N 183 
ILE N   CA   sing N N 184 
ILE N   H    sing N N 185 
ILE N   H2   sing N N 186 
ILE CA  C    sing N N 187 
ILE CA  CB   sing N N 188 
ILE CA  HA   sing N N 189 
ILE C   O    doub N N 190 
ILE C   OXT  sing N N 191 
ILE CB  CG1  sing N N 192 
ILE CB  CG2  sing N N 193 
ILE CB  HB   sing N N 194 
ILE CG1 CD1  sing N N 195 
ILE CG1 HG12 sing N N 196 
ILE CG1 HG13 sing N N 197 
ILE CG2 HG21 sing N N 198 
ILE CG2 HG22 sing N N 199 
ILE CG2 HG23 sing N N 200 
ILE CD1 HD11 sing N N 201 
ILE CD1 HD12 sing N N 202 
ILE CD1 HD13 sing N N 203 
ILE OXT HXT  sing N N 204 
LEU N   CA   sing N N 205 
LEU N   H    sing N N 206 
LEU N   H2   sing N N 207 
LEU CA  C    sing N N 208 
LEU CA  CB   sing N N 209 
LEU CA  HA   sing N N 210 
LEU C   O    doub N N 211 
LEU C   OXT  sing N N 212 
LEU CB  CG   sing N N 213 
LEU CB  HB2  sing N N 214 
LEU CB  HB3  sing N N 215 
LEU CG  CD1  sing N N 216 
LEU CG  CD2  sing N N 217 
LEU CG  HG   sing N N 218 
LEU CD1 HD11 sing N N 219 
LEU CD1 HD12 sing N N 220 
LEU CD1 HD13 sing N N 221 
LEU CD2 HD21 sing N N 222 
LEU CD2 HD22 sing N N 223 
LEU CD2 HD23 sing N N 224 
LEU OXT HXT  sing N N 225 
MET N   CA   sing N N 226 
MET N   H    sing N N 227 
MET N   H2   sing N N 228 
MET CA  C    sing N N 229 
MET CA  CB   sing N N 230 
MET CA  HA   sing N N 231 
MET C   O    doub N N 232 
MET C   OXT  sing N N 233 
MET CB  CG   sing N N 234 
MET CB  HB2  sing N N 235 
MET CB  HB3  sing N N 236 
MET CG  SD   sing N N 237 
MET CG  HG2  sing N N 238 
MET CG  HG3  sing N N 239 
MET SD  CE   sing N N 240 
MET CE  HE1  sing N N 241 
MET CE  HE2  sing N N 242 
MET CE  HE3  sing N N 243 
MET OXT HXT  sing N N 244 
PHE N   CA   sing N N 245 
PHE N   H    sing N N 246 
PHE N   H2   sing N N 247 
PHE CA  C    sing N N 248 
PHE CA  CB   sing N N 249 
PHE CA  HA   sing N N 250 
PHE C   O    doub N N 251 
PHE C   OXT  sing N N 252 
PHE CB  CG   sing N N 253 
PHE CB  HB2  sing N N 254 
PHE CB  HB3  sing N N 255 
PHE CG  CD1  doub Y N 256 
PHE CG  CD2  sing Y N 257 
PHE CD1 CE1  sing Y N 258 
PHE CD1 HD1  sing N N 259 
PHE CD2 CE2  doub Y N 260 
PHE CD2 HD2  sing N N 261 
PHE CE1 CZ   doub Y N 262 
PHE CE1 HE1  sing N N 263 
PHE CE2 CZ   sing Y N 264 
PHE CE2 HE2  sing N N 265 
PHE CZ  HZ   sing N N 266 
PHE OXT HXT  sing N N 267 
PRO N   CA   sing N N 268 
PRO N   CD   sing N N 269 
PRO N   H    sing N N 270 
PRO CA  C    sing N N 271 
PRO CA  CB   sing N N 272 
PRO CA  HA   sing N N 273 
PRO C   O    doub N N 274 
PRO C   OXT  sing N N 275 
PRO CB  CG   sing N N 276 
PRO CB  HB2  sing N N 277 
PRO CB  HB3  sing N N 278 
PRO CG  CD   sing N N 279 
PRO CG  HG2  sing N N 280 
PRO CG  HG3  sing N N 281 
PRO CD  HD2  sing N N 282 
PRO CD  HD3  sing N N 283 
PRO OXT HXT  sing N N 284 
SER N   CA   sing N N 285 
SER N   H    sing N N 286 
SER N   H2   sing N N 287 
SER CA  C    sing N N 288 
SER CA  CB   sing N N 289 
SER CA  HA   sing N N 290 
SER C   O    doub N N 291 
SER C   OXT  sing N N 292 
SER CB  OG   sing N N 293 
SER CB  HB2  sing N N 294 
SER CB  HB3  sing N N 295 
SER OG  HG   sing N N 296 
SER OXT HXT  sing N N 297 
THR N   CA   sing N N 298 
THR N   H    sing N N 299 
THR N   H2   sing N N 300 
THR CA  C    sing N N 301 
THR CA  CB   sing N N 302 
THR CA  HA   sing N N 303 
THR C   O    doub N N 304 
THR C   OXT  sing N N 305 
THR CB  OG1  sing N N 306 
THR CB  CG2  sing N N 307 
THR CB  HB   sing N N 308 
THR OG1 HG1  sing N N 309 
THR CG2 HG21 sing N N 310 
THR CG2 HG22 sing N N 311 
THR CG2 HG23 sing N N 312 
THR OXT HXT  sing N N 313 
TRP N   CA   sing N N 314 
TRP N   H    sing N N 315 
TRP N   H2   sing N N 316 
TRP CA  C    sing N N 317 
TRP CA  CB   sing N N 318 
TRP CA  HA   sing N N 319 
TRP C   O    doub N N 320 
TRP C   OXT  sing N N 321 
TRP CB  CG   sing N N 322 
TRP CB  HB2  sing N N 323 
TRP CB  HB3  sing N N 324 
TRP CG  CD1  doub Y N 325 
TRP CG  CD2  sing Y N 326 
TRP CD1 NE1  sing Y N 327 
TRP CD1 HD1  sing N N 328 
TRP CD2 CE2  doub Y N 329 
TRP CD2 CE3  sing Y N 330 
TRP NE1 CE2  sing Y N 331 
TRP NE1 HE1  sing N N 332 
TRP CE2 CZ2  sing Y N 333 
TRP CE3 CZ3  doub Y N 334 
TRP CE3 HE3  sing N N 335 
TRP CZ2 CH2  doub Y N 336 
TRP CZ2 HZ2  sing N N 337 
TRP CZ3 CH2  sing Y N 338 
TRP CZ3 HZ3  sing N N 339 
TRP CH2 HH2  sing N N 340 
TRP OXT HXT  sing N N 341 
TYR N   CA   sing N N 342 
TYR N   H    sing N N 343 
TYR N   H2   sing N N 344 
TYR CA  C    sing N N 345 
TYR CA  CB   sing N N 346 
TYR CA  HA   sing N N 347 
TYR C   O    doub N N 348 
TYR C   OXT  sing N N 349 
TYR CB  CG   sing N N 350 
TYR CB  HB2  sing N N 351 
TYR CB  HB3  sing N N 352 
TYR CG  CD1  doub Y N 353 
TYR CG  CD2  sing Y N 354 
TYR CD1 CE1  sing Y N 355 
TYR CD1 HD1  sing N N 356 
TYR CD2 CE2  doub Y N 357 
TYR CD2 HD2  sing N N 358 
TYR CE1 CZ   doub Y N 359 
TYR CE1 HE1  sing N N 360 
TYR CE2 CZ   sing Y N 361 
TYR CE2 HE2  sing N N 362 
TYR CZ  OH   sing N N 363 
TYR OH  HH   sing N N 364 
TYR OXT HXT  sing N N 365 
VAL N   CA   sing N N 366 
VAL N   H    sing N N 367 
VAL N   H2   sing N N 368 
VAL CA  C    sing N N 369 
VAL CA  CB   sing N N 370 
VAL CA  HA   sing N N 371 
VAL C   O    doub N N 372 
VAL C   OXT  sing N N 373 
VAL CB  CG1  sing N N 374 
VAL CB  CG2  sing N N 375 
VAL CB  HB   sing N N 376 
VAL CG1 HG11 sing N N 377 
VAL CG1 HG12 sing N N 378 
VAL CG1 HG13 sing N N 379 
VAL CG2 HG21 sing N N 380 
VAL CG2 HG22 sing N N 381 
VAL CG2 HG23 sing N N 382 
VAL OXT HXT  sing N N 383 
# 
_pdbx_initial_refinement_model.id               1 
_pdbx_initial_refinement_model.entity_id_list   ? 
_pdbx_initial_refinement_model.type             'experimental model' 
_pdbx_initial_refinement_model.source_name      PDB 
_pdbx_initial_refinement_model.accession_code   3KIV 
_pdbx_initial_refinement_model.details          'PDB ENTRY 3KIV' 
# 
_atom_sites.entry_id                    4BV7 
_atom_sites.fract_transf_matrix[1][1]   -0.01561626 
_atom_sites.fract_transf_matrix[1][2]   -0.02776779 
_atom_sites.fract_transf_matrix[1][3]   -0.02667211 
_atom_sites.fract_transf_matrix[2][1]   -0.00099212 
_atom_sites.fract_transf_matrix[2][2]   -0.01504842 
_atom_sites.fract_transf_matrix[2][3]   0.01624749 
_atom_sites.fract_transf_matrix[3][1]   -0.01742347 
_atom_sites.fract_transf_matrix[3][2]   0.00572628 
_atom_sites.fract_transf_matrix[3][3]   0.00423975 
_atom_sites.fract_transf_vector[1]      -0.252883 
_atom_sites.fract_transf_vector[2]      0.112257 
_atom_sites.fract_transf_vector[3]      -0.226728 
# 
loop_
_atom_type.symbol 
C 
N 
O 
S 
# 
loop_
_atom_site.group_PDB 
_atom_site.id 
_atom_site.type_symbol 
_atom_site.label_atom_id 
_atom_site.label_alt_id 
_atom_site.label_comp_id 
_atom_site.label_asym_id 
_atom_site.label_entity_id 
_atom_site.label_seq_id 
_atom_site.pdbx_PDB_ins_code 
_atom_site.Cartn_x 
_atom_site.Cartn_y 
_atom_site.Cartn_z 
_atom_site.occupancy 
_atom_site.B_iso_or_equiv 
_atom_site.pdbx_formal_charge 
_atom_site.auth_seq_id 
_atom_site.auth_comp_id 
_atom_site.auth_asym_id 
_atom_site.auth_atom_id 
_atom_site.pdbx_PDB_model_num 
ATOM   1   N N   . GLN A 1 1  ? 12.943  -7.285  3.704   1.00 15.09 ? 0    GLN A N   1 
ATOM   2   C CA  . GLN A 1 1  ? 13.076  -6.106  2.797   1.00 14.87 ? 0    GLN A CA  1 
ATOM   3   C C   . GLN A 1 1  ? 12.688  -4.841  3.540   1.00 13.81 ? 0    GLN A C   1 
ATOM   4   O O   . GLN A 1 1  ? 11.852  -4.877  4.443   1.00 13.33 ? 0    GLN A O   1 
ATOM   5   C CB  . GLN A 1 1  ? 12.208  -6.281  1.547   1.00 16.20 ? 0    GLN A CB  1 
ATOM   6   C CG  . GLN A 1 1  ? 12.882  -7.144  0.495   1.00 17.39 ? 0    GLN A CG  1 
ATOM   7   C CD  . GLN A 1 1  ? 11.922  -7.851  -0.441  1.00 18.73 ? 0    GLN A CD  1 
ATOM   8   O OE1 . GLN A 1 1  ? 10.853  -7.323  -0.797  1.00 18.65 ? 0    GLN A OE1 1 
ATOM   9   N NE2 . GLN A 1 1  ? 12.310  -9.059  -0.869  1.00 19.70 ? 0    GLN A NE2 1 
ATOM   10  N N   . CYS A 1 2  ? 13.300  -3.725  3.164   1.00 12.89 ? 1    CYS A N   1 
ATOM   11  C CA  . CYS A 1 2  ? 13.113  -2.501  3.930   1.00 12.14 ? 1    CYS A CA  1 
ATOM   12  C C   . CYS A 1 2  ? 12.692  -1.311  3.076   1.00 11.22 ? 1    CYS A C   1 
ATOM   13  O O   . CYS A 1 2  ? 12.811  -1.320  1.848   1.00 10.66 ? 1    CYS A O   1 
ATOM   14  C CB  . CYS A 1 2  ? 14.374  -2.178  4.733   1.00 12.70 ? 1    CYS A CB  1 
ATOM   15  S SG  . CYS A 1 2  ? 15.796  -1.642  3.765   1.00 13.40 ? 1    CYS A SG  1 
ATOM   16  N N   . TYR A 1 3  ? 12.186  -0.295  3.761   1.00 10.27 ? 2    TYR A N   1 
ATOM   17  C CA  . TYR A 1 3  ? 11.855  0.987   3.147   1.00 10.16 ? 2    TYR A CA  1 
ATOM   18  C C   . TYR A 1 3  ? 12.588  2.098   3.888   1.00 9.94  ? 2    TYR A C   1 
ATOM   19  O O   . TYR A 1 3  ? 12.925  1.948   5.062   1.00 9.66  ? 2    TYR A O   1 
ATOM   20  C CB  . TYR A 1 3  ? 10.351  1.238   3.190   1.00 10.02 ? 2    TYR A CB  1 
ATOM   21  C CG  . TYR A 1 3  ? 9.784   1.345   4.584   1.00 10.01 ? 2    TYR A CG  1 
ATOM   22  C CD1 . TYR A 1 3  ? 9.711   2.572   5.232   1.00 10.02 ? 2    TYR A CD1 1 
ATOM   23  C CD2 . TYR A 1 3  ? 9.312   0.219   5.250   1.00 10.06 ? 2    TYR A CD2 1 
ATOM   24  C CE1 . TYR A 1 3  ? 9.183   2.678   6.506   1.00 10.28 ? 2    TYR A CE1 1 
ATOM   25  C CE2 . TYR A 1 3  ? 8.786   0.311   6.527   1.00 10.31 ? 2    TYR A CE2 1 
ATOM   26  C CZ  . TYR A 1 3  ? 8.713   1.550   7.148   1.00 10.38 ? 2    TYR A CZ  1 
ATOM   27  O OH  . TYR A 1 3  ? 8.191   1.666   8.418   1.00 11.21 ? 2    TYR A OH  1 
ATOM   28  N N   . HIS A 1 4  ? 12.818  3.203   3.192   1.00 9.91  ? 3    HIS A N   1 
ATOM   29  C CA  . HIS A 1 4  ? 13.540  4.331   3.747   1.00 9.99  ? 3    HIS A CA  1 
ATOM   30  C C   . HIS A 1 4  ? 12.574  5.383   4.264   1.00 9.60  ? 3    HIS A C   1 
ATOM   31  O O   . HIS A 1 4  ? 11.509  5.612   3.675   1.00 9.16  ? 3    HIS A O   1 
ATOM   32  C CB  . HIS A 1 4  ? 14.455  4.945   2.685   1.00 10.38 ? 3    HIS A CB  1 
ATOM   33  C CG  . HIS A 1 4  ? 15.456  3.986   2.133   1.00 10.90 ? 3    HIS A CG  1 
ATOM   34  N ND1 . HIS A 1 4  ? 16.691  3.784   2.715   1.00 11.14 ? 3    HIS A ND1 1 
ATOM   35  C CD2 . HIS A 1 4  ? 15.403  3.161   1.062   1.00 11.29 ? 3    HIS A CD2 1 
ATOM   36  C CE1 . HIS A 1 4  ? 17.360  2.886   2.014   1.00 11.53 ? 3    HIS A CE1 1 
ATOM   37  N NE2 . HIS A 1 4  ? 16.596  2.485   1.013   1.00 11.73 ? 3    HIS A NE2 1 
ATOM   38  N N   . GLY A 1 5  ? 12.945  6.018   5.371   1.00 9.32  ? 4    GLY A N   1 
ATOM   39  C CA  . GLY A 1 5  ? 12.132  7.079   5.955   1.00 9.31  ? 4    GLY A CA  1 
ATOM   40  C C   . GLY A 1 5  ? 10.762  6.550   6.345   1.00 9.26  ? 4    GLY A C   1 
ATOM   41  O O   . GLY A 1 5  ? 10.666  5.488   6.949   1.00 9.24  ? 4    GLY A O   1 
ATOM   42  N N   . ASN A 1 6  ? 9.709   7.278   5.969   1.00 9.11  ? 5    ASN A N   1 
ATOM   43  C CA  . ASN A 1 6  ? 8.333   6.837   6.229   1.00 9.07  ? 5    ASN A CA  1 
ATOM   44  C C   . ASN A 1 6  ? 7.762   5.975   5.101   1.00 9.17  ? 5    ASN A C   1 
ATOM   45  O O   . ASN A 1 6  ? 6.589   5.597   5.135   1.00 9.14  ? 5    ASN A O   1 
ATOM   46  C CB  . ASN A 1 6  ? 7.408   8.034   6.539   1.00 8.94  ? 5    ASN A CB  1 
ATOM   47  C CG  . ASN A 1 6  ? 7.093   8.895   5.320   1.00 8.87  ? 5    ASN A CG  1 
ATOM   48  O OD1 . ASN A 1 6  ? 7.477   8.581   4.191   1.00 8.76  ? 5    ASN A OD1 1 
ATOM   49  N ND2 . ASN A 1 6  ? 6.401   10.002  5.553   1.00 8.76  ? 5    ASN A ND2 1 
ATOM   50  N N   . GLY A 1 7  ? 8.579   5.696   4.088   1.00 9.41  ? 6    GLY A N   1 
ATOM   51  C CA  . GLY A 1 7  ? 8.203   4.784   3.010   1.00 9.50  ? 6    GLY A CA  1 
ATOM   52  C C   . GLY A 1 7  ? 7.417   5.402   1.866   1.00 9.81  ? 6    GLY A C   1 
ATOM   53  O O   . GLY A 1 7  ? 6.986   4.696   0.962   1.00 9.52  ? 6    GLY A O   1 
ATOM   54  N N   . GLN A 1 8  ? 7.231   6.716   1.891   1.00 10.06 ? 7    GLN A N   1 
ATOM   55  C CA  A GLN A 1 8  ? 6.487   7.409   0.840   0.50 10.33 ? 7    GLN A CA  1 
ATOM   56  C CA  B GLN A 1 8  ? 6.513   7.416   0.823   0.50 10.39 ? 7    GLN A CA  1 
ATOM   57  C C   . GLN A 1 8  ? 7.089   7.139   -0.553  1.00 10.18 ? 7    GLN A C   1 
ATOM   58  O O   . GLN A 1 8  ? 6.352   7.017   -1.538  1.00 10.32 ? 7    GLN A O   1 
ATOM   59  C CB  A GLN A 1 8  ? 6.422   8.912   1.161   0.50 10.67 ? 7    GLN A CB  1 
ATOM   60  C CB  B GLN A 1 8  ? 6.539   8.918   1.070   0.50 10.83 ? 7    GLN A CB  1 
ATOM   61  C CG  A GLN A 1 8  ? 5.643   9.773   0.176   0.50 11.06 ? 7    GLN A CG  1 
ATOM   62  C CG  B GLN A 1 8  ? 5.442   9.378   1.992   0.50 11.33 ? 7    GLN A CG  1 
ATOM   63  C CD  A GLN A 1 8  ? 4.187   9.990   0.550   0.50 11.49 ? 7    GLN A CD  1 
ATOM   64  C CD  B GLN A 1 8  ? 4.231   9.869   1.227   0.50 11.66 ? 7    GLN A CD  1 
ATOM   65  O OE1 A GLN A 1 8  ? 3.824   10.060  1.729   0.50 11.83 ? 7    GLN A OE1 1 
ATOM   66  O OE1 B GLN A 1 8  ? 3.215   10.247  1.810   0.50 11.85 ? 7    GLN A OE1 1 
ATOM   67  N NE2 A GLN A 1 8  ? 3.340   10.118  -0.468  0.50 11.69 ? 7    GLN A NE2 1 
ATOM   68  N NE2 B GLN A 1 8  ? 4.329   9.855   -0.097  0.50 11.99 ? 7    GLN A NE2 1 
ATOM   69  N N   . SER A 1 9  ? 8.417   7.034   -0.617  1.00 9.84  ? 8    SER A N   1 
ATOM   70  C CA  . SER A 1 9  ? 9.126   6.857   -1.884  1.00 9.52  ? 8    SER A CA  1 
ATOM   71  C C   . SER A 1 9  ? 9.509   5.402   -2.178  1.00 9.24  ? 8    SER A C   1 
ATOM   72  O O   . SER A 1 9  ? 10.227  5.121   -3.153  1.00 9.31  ? 8    SER A O   1 
ATOM   73  C CB  . SER A 1 9  ? 10.357  7.764   -1.914  1.00 9.62  ? 8    SER A CB  1 
ATOM   74  O OG  . SER A 1 9  ? 11.346  7.324   -1.000  1.00 9.71  ? 8    SER A OG  1 
ATOM   75  N N   . TYR A 1 10 ? 9.028   4.474   -1.359  1.00 8.92  ? 9    TYR A N   1 
ATOM   76  C CA  . TYR A 1 10 ? 9.199   3.050   -1.628  1.00 8.81  ? 9    TYR A CA  1 
ATOM   77  C C   . TYR A 1 10 ? 8.433   2.665   -2.892  1.00 8.78  ? 9    TYR A C   1 
ATOM   78  O O   . TYR A 1 10 ? 7.234   2.931   -2.994  1.00 8.84  ? 9    TYR A O   1 
ATOM   79  C CB  . TYR A 1 10 ? 8.681   2.219   -0.452  1.00 8.76  ? 9    TYR A CB  1 
ATOM   80  C CG  . TYR A 1 10 ? 8.635   0.728   -0.704  1.00 8.70  ? 9    TYR A CG  1 
ATOM   81  C CD1 . TYR A 1 10 ? 9.783   -0.055  -0.604  1.00 8.68  ? 9    TYR A CD1 1 
ATOM   82  C CD2 . TYR A 1 10 ? 7.435   0.094   -1.025  1.00 8.57  ? 9    TYR A CD2 1 
ATOM   83  C CE1 . TYR A 1 10 ? 9.746   -1.422  -0.830  1.00 8.59  ? 9    TYR A CE1 1 
ATOM   84  C CE2 . TYR A 1 10 ? 7.386   -1.276  -1.255  1.00 8.61  ? 9    TYR A CE2 1 
ATOM   85  C CZ  . TYR A 1 10 ? 8.541   -2.031  -1.150  1.00 8.58  ? 9    TYR A CZ  1 
ATOM   86  O OH  . TYR A 1 10 ? 8.486   -3.389  -1.382  1.00 8.60  ? 9    TYR A OH  1 
ATOM   87  N N   . ARG A 1 11 ? 9.122   2.046   -3.848  1.00 8.64  ? 10   ARG A N   1 
ATOM   88  C CA  . ARG A 1 11 ? 8.478   1.608   -5.089  1.00 8.64  ? 10   ARG A CA  1 
ATOM   89  C C   . ARG A 1 11 ? 8.746   0.125   -5.373  1.00 8.50  ? 10   ARG A C   1 
ATOM   90  O O   . ARG A 1 11 ? 8.789   -0.300  -6.530  1.00 8.47  ? 10   ARG A O   1 
ATOM   91  C CB  . ARG A 1 11 ? 8.923   2.488   -6.268  1.00 8.72  ? 10   ARG A CB  1 
ATOM   92  C CG  . ARG A 1 11 ? 8.494   3.938   -6.150  1.00 8.77  ? 10   ARG A CG  1 
ATOM   93  C CD  . ARG A 1 11 ? 6.995   4.125   -6.318  1.00 8.90  ? 10   ARG A CD  1 
ATOM   94  N NE  . ARG A 1 11 ? 6.608   5.538   -6.193  1.00 8.99  ? 10   ARG A NE  1 
ATOM   95  C CZ  . ARG A 1 11 ? 6.379   6.179   -5.045  1.00 9.20  ? 10   ARG A CZ  1 
ATOM   96  N NH1 . ARG A 1 11 ? 6.472   5.555   -3.871  1.00 9.40  ? 10   ARG A NH1 1 
ATOM   97  N NH2 . ARG A 1 11 ? 6.038   7.461   -5.066  1.00 9.26  ? 10   ARG A NH2 1 
ATOM   98  N N   . GLY A 1 12 ? 8.892   -0.660  -4.306  1.00 8.31  ? 11   GLY A N   1 
ATOM   99  C CA  . GLY A 1 12 ? 9.152   -2.092  -4.421  1.00 8.29  ? 11   GLY A CA  1 
ATOM   100 C C   . GLY A 1 12 ? 7.891   -2.881  -4.723  1.00 8.29  ? 11   GLY A C   1 
ATOM   101 O O   . GLY A 1 12 ? 6.820   -2.307  -4.928  1.00 8.11  ? 11   GLY A O   1 
ATOM   102 N N   . THR A 1 13 ? 8.034   -4.201  -4.775  1.00 8.36  ? 12   THR A N   1 
ATOM   103 C CA  . THR A 1 13 ? 6.950   -5.062  -5.233  1.00 8.45  ? 12   THR A CA  1 
ATOM   104 C C   . THR A 1 13 ? 6.351   -5.920  -4.125  1.00 8.35  ? 12   THR A C   1 
ATOM   105 O O   . THR A 1 13 ? 5.593   -6.853  -4.400  1.00 8.17  ? 12   THR A O   1 
ATOM   106 C CB  . THR A 1 13 ? 7.423   -5.974  -6.382  1.00 8.62  ? 12   THR A CB  1 
ATOM   107 O OG1 . THR A 1 13 ? 8.446   -6.853  -5.898  1.00 8.75  ? 12   THR A OG1 1 
ATOM   108 C CG2 . THR A 1 13 ? 7.923   -5.139  -7.550  1.00 8.73  ? 12   THR A CG2 1 
ATOM   109 N N   . PHE A 1 14 ? 6.676   -5.601  -2.875  1.00 8.41  ? 13   PHE A N   1 
ATOM   110 C CA  . PHE A 1 14 ? 6.104   -6.330  -1.742  1.00 8.44  ? 13   PHE A CA  1 
ATOM   111 C C   . PHE A 1 14 ? 4.615   -6.009  -1.664  1.00 8.27  ? 13   PHE A C   1 
ATOM   112 O O   . PHE A 1 14 ? 4.205   -4.874  -1.926  1.00 8.19  ? 13   PHE A O   1 
ATOM   113 C CB  . PHE A 1 14 ? 6.821   -5.970  -0.441  1.00 8.59  ? 13   PHE A CB  1 
ATOM   114 C CG  . PHE A 1 14 ? 6.717   -7.026  0.631   1.00 8.73  ? 13   PHE A CG  1 
ATOM   115 C CD1 . PHE A 1 14 ? 7.568   -8.119  0.624   1.00 8.90  ? 13   PHE A CD1 1 
ATOM   116 C CD2 . PHE A 1 14 ? 5.785   -6.914  1.656   1.00 8.79  ? 13   PHE A CD2 1 
ATOM   117 C CE1 . PHE A 1 14 ? 7.497   -9.081  1.621   1.00 9.08  ? 13   PHE A CE1 1 
ATOM   118 C CE2 . PHE A 1 14 ? 5.699   -7.876  2.645   1.00 8.81  ? 13   PHE A CE2 1 
ATOM   119 C CZ  . PHE A 1 14 ? 6.556   -8.962  2.628   1.00 8.98  ? 13   PHE A CZ  1 
ATOM   120 N N   . SER A 1 15 ? 3.803   -7.010  -1.333  1.00 8.04  ? 14   SER A N   1 
ATOM   121 C CA  . SER A 1 15 ? 2.347   -6.852  -1.349  1.00 7.99  ? 14   SER A CA  1 
ATOM   122 C C   . SER A 1 15 ? 1.670   -7.714  -0.271  1.00 7.91  ? 14   SER A C   1 
ATOM   123 O O   . SER A 1 15 ? 0.562   -8.225  -0.465  1.00 7.66  ? 14   SER A O   1 
ATOM   124 C CB  . SER A 1 15 ? 1.812   -7.173  -2.744  1.00 7.89  ? 14   SER A CB  1 
ATOM   125 O OG  . SER A 1 15 ? 2.229   -8.461  -3.153  1.00 7.74  ? 14   SER A OG  1 
ATOM   126 N N   . THR A 1 16 ? 2.342   -7.837  0.873   1.00 7.99  ? 15   THR A N   1 
ATOM   127 C CA  . THR A 1 16 ? 1.843   -8.626  1.996   1.00 8.26  ? 15   THR A CA  1 
ATOM   128 C C   . THR A 1 16 ? 1.857   -7.772  3.265   1.00 8.26  ? 15   THR A C   1 
ATOM   129 O O   . THR A 1 16 ? 2.816   -7.034  3.524   1.00 8.10  ? 15   THR A O   1 
ATOM   130 C CB  . THR A 1 16 ? 2.670   -9.913  2.195   1.00 8.40  ? 15   THR A CB  1 
ATOM   131 O OG1 . THR A 1 16 ? 2.805   -10.600 0.943   1.00 8.66  ? 15   THR A OG1 1 
ATOM   132 C CG2 . THR A 1 16 ? 2.001   -10.836 3.206   1.00 8.43  ? 15   THR A CG2 1 
ATOM   133 N N   . THR A 1 17 ? 0.789   -7.877  4.047   1.00 8.33  ? 16   THR A N   1 
ATOM   134 C CA  . THR A 1 17 ? 0.643   -7.096  5.278   1.00 8.42  ? 16   THR A CA  1 
ATOM   135 C C   . THR A 1 17 ? 1.281   -7.806  6.464   1.00 8.49  ? 16   THR A C   1 
ATOM   136 O O   . THR A 1 17 ? 1.652   -8.966  6.368   1.00 8.13  ? 16   THR A O   1 
ATOM   137 C CB  . THR A 1 17 ? -0.820  -6.844  5.662   1.00 8.51  ? 16   THR A CB  1 
ATOM   138 O OG1 . THR A 1 17 ? -1.381  -8.037  6.231   1.00 8.40  ? 16   THR A OG1 1 
ATOM   139 C CG2 . THR A 1 17 ? -1.666  -6.350  4.471   1.00 8.45  ? 16   THR A CG2 1 
ATOM   140 N N   . VAL A 1 18 ? 1.342   -7.099  7.592   1.00 8.73  ? 17   VAL A N   1 
ATOM   141 C CA  . VAL A 1 18 ? 1.956   -7.599  8.833   1.00 9.03  ? 17   VAL A CA  1 
ATOM   142 C C   . VAL A 1 18 ? 1.190   -8.770  9.467   1.00 9.09  ? 17   VAL A C   1 
ATOM   143 O O   . VAL A 1 18 ? 1.714   -9.436  10.360  1.00 9.57  ? 17   VAL A O   1 
ATOM   144 C CB  . VAL A 1 18 ? 2.096   -6.475  9.894   1.00 9.10  ? 17   VAL A CB  1 
ATOM   145 C CG1 . VAL A 1 18 ? 3.170   -5.472  9.480   1.00 9.16  ? 17   VAL A CG1 1 
ATOM   146 C CG2 . VAL A 1 18 ? 0.762   -5.783  10.157  1.00 9.24  ? 17   VAL A CG2 1 
ATOM   147 N N   . THR A 1 19 ? -0.043  -9.005  9.019   1.00 9.09  ? 18   THR A N   1 
ATOM   148 C CA  . THR A 1 19 ? -0.824  -10.156 9.460   1.00 8.87  ? 18   THR A CA  1 
ATOM   149 C C   . THR A 1 19 ? -0.876  -11.258 8.410   1.00 8.51  ? 18   THR A C   1 
ATOM   150 O O   . THR A 1 19 ? -1.630  -12.224 8.559   1.00 8.46  ? 18   THR A O   1 
ATOM   151 C CB  . THR A 1 19 ? -2.260  -9.759  9.825   1.00 9.02  ? 18   THR A CB  1 
ATOM   152 O OG1 . THR A 1 19 ? -2.938  -9.274  8.664   1.00 9.17  ? 18   THR A OG1 1 
ATOM   153 C CG2 . THR A 1 19 ? -2.258  -8.697  10.915  1.00 9.25  ? 18   THR A CG2 1 
ATOM   154 N N   . GLY A 1 20 ? -0.094  -11.108 7.345   1.00 8.17  ? 19   GLY A N   1 
ATOM   155 C CA  . GLY A 1 20 ? -0.024  -12.109 6.277   1.00 8.07  ? 19   GLY A CA  1 
ATOM   156 C C   . GLY A 1 20 ? -1.129  -11.981 5.244   1.00 8.03  ? 19   GLY A C   1 
ATOM   157 O O   . GLY A 1 20 ? -1.263  -12.830 4.370   1.00 8.26  ? 19   GLY A O   1 
ATOM   158 N N   . ARG A 1 21 ? -1.907  -10.908 5.320   1.00 7.82  ? 20   ARG A N   1 
ATOM   159 C CA  . ARG A 1 21 ? -2.942  -10.657 4.336   1.00 7.82  ? 20   ARG A CA  1 
ATOM   160 C C   . ARG A 1 21 ? -2.310  -10.131 3.038   1.00 7.85  ? 20   ARG A C   1 
ATOM   161 O O   . ARG A 1 21 ? -1.167  -9.656  3.021   1.00 7.80  ? 20   ARG A O   1 
ATOM   162 C CB  . ARG A 1 21 ? -3.993  -9.697  4.892   1.00 7.90  ? 20   ARG A CB  1 
ATOM   163 C CG  . ARG A 1 21 ? -4.826  -10.329 6.001   1.00 7.96  ? 20   ARG A CG  1 
ATOM   164 C CD  . ARG A 1 21 ? -5.821  -9.358  6.609   1.00 8.11  ? 20   ARG A CD  1 
ATOM   165 N NE  . ARG A 1 21 ? -6.825  -10.046 7.421   1.00 8.09  ? 20   ARG A NE  1 
ATOM   166 C CZ  . ARG A 1 21 ? -6.749  -10.251 8.734   1.00 8.15  ? 20   ARG A CZ  1 
ATOM   167 N NH1 . ARG A 1 21 ? -5.712  -9.833  9.448   1.00 8.30  ? 20   ARG A NH1 1 
ATOM   168 N NH2 . ARG A 1 21 ? -7.735  -10.897 9.340   1.00 8.20  ? 20   ARG A NH2 1 
ATOM   169 N N   . THR A 1 22 ? -3.054  -10.246 1.949   1.00 7.90  ? 21   THR A N   1 
ATOM   170 C CA  . THR A 1 22 ? -2.576  -9.787  0.651   1.00 7.83  ? 21   THR A CA  1 
ATOM   171 C C   . THR A 1 22 ? -3.159  -8.408  0.378   1.00 7.64  ? 21   THR A C   1 
ATOM   172 O O   . THR A 1 22 ? -4.320  -8.141  0.690   1.00 7.62  ? 21   THR A O   1 
ATOM   173 C CB  . THR A 1 22 ? -2.948  -10.786 -0.454  1.00 7.96  ? 21   THR A CB  1 
ATOM   174 O OG1 . THR A 1 22 ? -2.303  -12.032 -0.171  1.00 8.13  ? 21   THR A OG1 1 
ATOM   175 C CG2 . THR A 1 22 ? -2.519  -10.290 -1.836  1.00 7.96  ? 21   THR A CG2 1 
ATOM   176 N N   . CYS A 1 23 ? -2.328  -7.538  -0.187  1.00 7.34  ? 22   CYS A N   1 
ATOM   177 C CA  . CYS A 1 23 ? -2.760  -6.200  -0.541  1.00 7.25  ? 22   CYS A CA  1 
ATOM   178 C C   . CYS A 1 23 ? -3.773  -6.231  -1.668  1.00 7.25  ? 22   CYS A C   1 
ATOM   179 O O   . CYS A 1 23 ? -3.644  -6.992  -2.625  1.00 7.19  ? 22   CYS A O   1 
ATOM   180 C CB  . CYS A 1 23 ? -1.586  -5.350  -0.990  1.00 7.27  ? 22   CYS A CB  1 
ATOM   181 S SG  . CYS A 1 23 ? -0.398  -4.967  0.311   1.00 7.16  ? 22   CYS A SG  1 
ATOM   182 N N   . GLN A 1 24 ? -4.766  -5.371  -1.549  1.00 7.23  ? 23   GLN A N   1 
ATOM   183 C CA  . GLN A 1 24 ? -5.676  -5.073  -2.646  1.00 7.18  ? 23   GLN A CA  1 
ATOM   184 C C   . GLN A 1 24 ? -4.945  -4.192  -3.664  1.00 7.20  ? 23   GLN A C   1 
ATOM   185 O O   . GLN A 1 24 ? -4.073  -3.403  -3.291  1.00 7.34  ? 23   GLN A O   1 
ATOM   186 C CB  . GLN A 1 24 ? -6.899  -4.347  -2.092  1.00 7.14  ? 23   GLN A CB  1 
ATOM   187 C CG  . GLN A 1 24 ? -7.929  -3.946  -3.128  1.00 7.09  ? 23   GLN A CG  1 
ATOM   188 C CD  . GLN A 1 24 ? -9.109  -3.228  -2.508  1.00 7.10  ? 23   GLN A CD  1 
ATOM   189 O OE1 . GLN A 1 24 ? -9.660  -3.678  -1.506  1.00 6.99  ? 23   GLN A OE1 1 
ATOM   190 N NE2 . GLN A 1 24 ? -9.517  -2.120  -3.113  1.00 7.12  ? 23   GLN A NE2 1 
ATOM   191 N N   . SER A 1 25 ? -5.300  -4.313  -4.939  1.00 7.11  ? 24   SER A N   1 
ATOM   192 C CA  . SER A 1 25 ? -4.750  -3.420  -5.959  1.00 7.04  ? 24   SER A CA  1 
ATOM   193 C C   . SER A 1 25 ? -5.350  -2.020  -5.816  1.00 6.99  ? 24   SER A C   1 
ATOM   194 O O   . SER A 1 25 ? -6.551  -1.875  -5.593  1.00 7.33  ? 24   SER A O   1 
ATOM   195 C CB  . SER A 1 25 ? -5.000  -3.952  -7.366  1.00 6.97  ? 24   SER A CB  1 
ATOM   196 O OG  . SER A 1 25 ? -4.420  -5.237  -7.554  1.00 6.86  ? 24   SER A OG  1 
ATOM   197 N N   . TRP A 1 26 ? -4.515  -0.994  -5.976  1.00 6.97  ? 25   TRP A N   1 
ATOM   198 C CA  . TRP A 1 26 ? -4.936  0.400   -5.732  1.00 6.97  ? 25   TRP A CA  1 
ATOM   199 C C   . TRP A 1 26 ? -6.032  0.850   -6.695  1.00 7.14  ? 25   TRP A C   1 
ATOM   200 O O   . TRP A 1 26 ? -6.888  1.651   -6.338  1.00 7.24  ? 25   TRP A O   1 
ATOM   201 C CB  . TRP A 1 26 ? -3.744  1.357   -5.837  1.00 6.88  ? 25   TRP A CB  1 
ATOM   202 C CG  . TRP A 1 26 ? -2.680  1.033   -4.849  1.00 6.82  ? 25   TRP A CG  1 
ATOM   203 C CD1 . TRP A 1 26 ? -1.588  0.240   -5.052  1.00 6.82  ? 25   TRP A CD1 1 
ATOM   204 C CD2 . TRP A 1 26 ? -2.635  1.435   -3.474  1.00 6.82  ? 25   TRP A CD2 1 
ATOM   205 N NE1 . TRP A 1 26 ? -0.856  0.140   -3.900  1.00 6.84  ? 25   TRP A NE1 1 
ATOM   206 C CE2 . TRP A 1 26 ? -1.465  0.872   -2.915  1.00 6.76  ? 25   TRP A CE2 1 
ATOM   207 C CE3 . TRP A 1 26 ? -3.443  2.247   -2.672  1.00 6.82  ? 25   TRP A CE3 1 
ATOM   208 C CZ2 . TRP A 1 26 ? -1.100  1.066   -1.582  1.00 6.84  ? 25   TRP A CZ2 1 
ATOM   209 C CZ3 . TRP A 1 26 ? -3.071  2.454   -1.342  1.00 6.85  ? 25   TRP A CZ3 1 
ATOM   210 C CH2 . TRP A 1 26 ? -1.906  1.865   -0.815  1.00 6.83  ? 25   TRP A CH2 1 
ATOM   211 N N   . SER A 1 27 ? -5.992  0.329   -7.917  1.00 7.45  ? 26   SER A N   1 
ATOM   212 C CA  . SER A 1 27 ? -6.961  0.697   -8.937  1.00 7.77  ? 26   SER A CA  1 
ATOM   213 C C   . SER A 1 27 ? -8.278  -0.043  -8.736  1.00 8.11  ? 26   SER A C   1 
ATOM   214 O O   . SER A 1 27 ? -9.271  0.298   -9.366  1.00 8.22  ? 26   SER A O   1 
ATOM   215 C CB  . SER A 1 27 ? -6.405  0.401   -10.330 1.00 7.89  ? 26   SER A CB  1 
ATOM   216 O OG  . SER A 1 27 ? -6.397  -0.987  -10.588 1.00 8.02  ? 26   SER A OG  1 
ATOM   217 N N   . SER A 1 28 ? -8.279  -1.065  -7.879  1.00 8.37  ? 27   SER A N   1 
ATOM   218 C CA  . SER A 1 28 ? -9.479  -1.861  -7.628  1.00 8.56  ? 27   SER A CA  1 
ATOM   219 C C   . SER A 1 28 ? -10.301 -1.286  -6.484  1.00 8.97  ? 27   SER A C   1 
ATOM   220 O O   . SER A 1 28 ? -9.751  -0.726  -5.532  1.00 8.96  ? 27   SER A O   1 
ATOM   221 C CB  . SER A 1 28 ? -9.114  -3.309  -7.296  1.00 8.63  ? 27   SER A CB  1 
ATOM   222 O OG  . SER A 1 28 ? -10.268 -4.050  -6.928  1.00 8.64  ? 27   SER A OG  1 
ATOM   223 N N   . MET A 1 29 ? -11.616 -1.455  -6.597  1.00 9.26  ? 28   MET A N   1 
ATOM   224 C CA  . MET A 1 29 ? -12.571 -1.073  -5.562  1.00 9.71  ? 28   MET A CA  1 
ATOM   225 C C   . MET A 1 29 ? -13.050 -2.309  -4.785  1.00 9.89  ? 28   MET A C   1 
ATOM   226 O O   . MET A 1 29 ? -13.980 -2.208  -3.984  1.00 9.96  ? 28   MET A O   1 
ATOM   227 C CB  . MET A 1 29 ? -13.784 -0.376  -6.213  1.00 9.89  ? 28   MET A CB  1 
ATOM   228 C CG  . MET A 1 29 ? -13.471 0.925   -6.930  1.00 10.03 ? 28   MET A CG  1 
ATOM   229 S SD  . MET A 1 29 ? -12.904 2.229   -5.821  1.00 10.24 ? 28   MET A SD  1 
ATOM   230 C CE  . MET A 1 29 ? -11.170 2.334   -6.229  1.00 10.22 ? 28   MET A CE  1 
ATOM   231 N N   . THR A 1 30 ? -12.396 -3.451  -5.022  1.00 10.26 ? 29   THR A N   1 
ATOM   232 C CA  . THR A 1 30 ? -12.809 -4.759  -4.503  1.00 10.80 ? 29   THR A CA  1 
ATOM   233 C C   . THR A 1 30 ? -11.701 -5.395  -3.659  1.00 10.50 ? 29   THR A C   1 
ATOM   234 O O   . THR A 1 30 ? -10.598 -5.614  -4.170  1.00 10.45 ? 29   THR A O   1 
ATOM   235 C CB  . THR A 1 30 ? -13.095 -5.737  -5.661  1.00 11.24 ? 29   THR A CB  1 
ATOM   236 O OG1 . THR A 1 30 ? -13.892 -5.078  -6.652  1.00 11.99 ? 29   THR A OG1 1 
ATOM   237 C CG2 . THR A 1 30 ? -13.830 -6.973  -5.168  1.00 11.62 ? 29   THR A CG2 1 
ATOM   238 N N   . PRO A 1 31 ? -11.986 -5.720  -2.378  1.00 10.19 ? 30   PRO A N   1 
ATOM   239 C CA  . PRO A 1 31 ? -13.238 -5.507  -1.631  1.00 10.12 ? 30   PRO A CA  1 
ATOM   240 C C   . PRO A 1 31 ? -13.455 -4.087  -1.093  1.00 9.99  ? 30   PRO A C   1 
ATOM   241 O O   . PRO A 1 31 ? -14.583 -3.733  -0.778  1.00 10.00 ? 30   PRO A O   1 
ATOM   242 C CB  . PRO A 1 31 ? -13.124 -6.497  -0.467  1.00 10.13 ? 30   PRO A CB  1 
ATOM   243 C CG  . PRO A 1 31 ? -11.658 -6.659  -0.250  1.00 10.13 ? 30   PRO A CG  1 
ATOM   244 C CD  . PRO A 1 31 ? -11.030 -6.552  -1.616  1.00 10.07 ? 30   PRO A CD  1 
ATOM   245 N N   . HIS A 1 32 ? -12.398 -3.279  -0.999  1.00 9.80  ? 31   HIS A N   1 
ATOM   246 C CA  . HIS A 1 32 ? -12.510 -1.956  -0.382  1.00 9.82  ? 31   HIS A CA  1 
ATOM   247 C C   . HIS A 1 32 ? -12.636 -0.838  -1.392  1.00 10.44 ? 31   HIS A C   1 
ATOM   248 O O   . HIS A 1 32 ? -11.780 -0.652  -2.261  1.00 9.89  ? 31   HIS A O   1 
ATOM   249 C CB  . HIS A 1 32 ? -11.330 -1.700  0.546   1.00 9.67  ? 31   HIS A CB  1 
ATOM   250 C CG  . HIS A 1 32 ? -11.187 -2.746  1.600   1.00 9.48  ? 31   HIS A CG  1 
ATOM   251 N ND1 . HIS A 1 32 ? -12.051 -2.847  2.670   1.00 9.33  ? 31   HIS A ND1 1 
ATOM   252 C CD2 . HIS A 1 32 ? -10.321 -3.774  1.714   1.00 9.37  ? 31   HIS A CD2 1 
ATOM   253 C CE1 . HIS A 1 32 ? -11.700 -3.878  3.413   1.00 9.32  ? 31   HIS A CE1 1 
ATOM   254 N NE2 . HIS A 1 32 ? -10.658 -4.464  2.850   1.00 9.38  ? 31   HIS A NE2 1 
ATOM   255 N N   . ARG A 1 33 ? -13.733 -0.112  -1.257  1.00 11.17 ? 32   ARG A N   1 
ATOM   256 C CA  . ARG A 1 33 ? -14.006 1.051   -2.068  1.00 12.19 ? 32   ARG A CA  1 
ATOM   257 C C   . ARG A 1 33 ? -13.252 2.255   -1.482  1.00 11.58 ? 32   ARG A C   1 
ATOM   258 O O   . ARG A 1 33 ? -13.359 2.537   -0.310  1.00 11.35 ? 32   ARG A O   1 
ATOM   259 C CB  . ARG A 1 33 ? -15.513 1.286   -2.100  1.00 13.70 ? 32   ARG A CB  1 
ATOM   260 C CG  . ARG A 1 33 ? -16.293 0.067   -2.581  1.00 15.41 ? 32   ARG A CG  1 
ATOM   261 C CD  . ARG A 1 33 ? -17.637 -0.137  -1.876  1.00 17.33 ? 32   ARG A CD  1 
ATOM   262 N NE  . ARG A 1 33 ? -17.513 -0.876  -0.627  1.00 19.00 ? 32   ARG A NE  1 
ATOM   263 C CZ  . ARG A 1 33 ? -18.492 -1.513  0.002   1.00 20.88 ? 32   ARG A CZ  1 
ATOM   264 N NH1 . ARG A 1 33 ? -19.724 -1.546  -0.494  1.00 22.22 ? 32   ARG A NH1 1 
ATOM   265 N NH2 . ARG A 1 33 ? -18.233 -2.148  1.135   1.00 21.84 ? 32   ARG A NH2 1 
ATOM   266 N N   . HIS A 1 34 ? -12.478 2.935   -2.315  1.00 10.78 ? 33   HIS A N   1 
ATOM   267 C CA  . HIS A 1 34 ? -11.584 3.961   -1.840  1.00 10.41 ? 33   HIS A CA  1 
ATOM   268 C C   . HIS A 1 34 ? -11.219 4.941   -2.952  1.00 10.77 ? 33   HIS A C   1 
ATOM   269 O O   . HIS A 1 34 ? -11.598 4.762   -4.090  1.00 10.36 ? 33   HIS A O   1 
ATOM   270 C CB  . HIS A 1 34 ? -10.315 3.325   -1.320  1.00 10.09 ? 33   HIS A CB  1 
ATOM   271 C CG  . HIS A 1 34 ? -9.488  2.720   -2.400  1.00 9.71  ? 33   HIS A CG  1 
ATOM   272 N ND1 . HIS A 1 34 ? -8.417  3.371   -2.967  1.00 9.62  ? 33   HIS A ND1 1 
ATOM   273 C CD2 . HIS A 1 34 ? -9.592  1.537   -3.041  1.00 9.56  ? 33   HIS A CD2 1 
ATOM   274 C CE1 . HIS A 1 34 ? -7.891  2.608   -3.907  1.00 9.56  ? 33   HIS A CE1 1 
ATOM   275 N NE2 . HIS A 1 34 ? -8.598  1.498   -3.983  1.00 9.51  ? 33   HIS A NE2 1 
ATOM   276 N N   . GLN A 1 35 ? -10.488 5.982   -2.567  1.00 11.30 ? 34   GLN A N   1 
ATOM   277 C CA  . GLN A 1 35 ? -10.151 7.083   -3.448  1.00 11.66 ? 34   GLN A CA  1 
ATOM   278 C C   . GLN A 1 35 ? -8.668  7.211   -3.730  1.00 11.55 ? 34   GLN A C   1 
ATOM   279 O O   . GLN A 1 35 ? -8.284  8.074   -4.472  1.00 11.31 ? 34   GLN A O   1 
ATOM   280 C CB  . GLN A 1 35 ? -10.611 8.409   -2.845  1.00 12.09 ? 34   GLN A CB  1 
ATOM   281 C CG  . GLN A 1 35 ? -12.114 8.560   -2.775  1.00 12.71 ? 34   GLN A CG  1 
ATOM   282 C CD  . GLN A 1 35 ? -12.760 8.556   -4.142  1.00 12.93 ? 34   GLN A CD  1 
ATOM   283 O OE1 . GLN A 1 35 ? -12.253 9.161   -5.079  1.00 13.96 ? 34   GLN A OE1 1 
ATOM   284 N NE2 . GLN A 1 35 ? -13.867 7.858   -4.260  1.00 13.06 ? 34   GLN A NE2 1 
ATOM   285 N N   . ARG A 1 36 ? -7.864  6.371   -3.089  1.00 11.53 ? 35   ARG A N   1 
ATOM   286 C CA  . ARG A 1 36 ? -6.430  6.410   -3.240  1.00 11.80 ? 35   ARG A CA  1 
ATOM   287 C C   . ARG A 1 36 ? -6.063  5.600   -4.478  1.00 11.34 ? 35   ARG A C   1 
ATOM   288 O O   . ARG A 1 36 ? -5.417  4.584   -4.388  1.00 11.31 ? 35   ARG A O   1 
ATOM   289 C CB  . ARG A 1 36 ? -5.753  5.823   -2.007  1.00 12.48 ? 35   ARG A CB  1 
ATOM   290 C CG  . ARG A 1 36 ? -4.272  6.120   -1.960  1.00 13.30 ? 35   ARG A CG  1 
ATOM   291 C CD  . ARG A 1 36 ? -3.957  7.593   -1.839  1.00 14.16 ? 35   ARG A CD  1 
ATOM   292 N NE  . ARG A 1 36 ? -4.594  8.187   -0.669  1.00 15.19 ? 35   ARG A NE  1 
ATOM   293 C CZ  . ARG A 1 36 ? -4.297  9.377   -0.155  1.00 15.99 ? 35   ARG A CZ  1 
ATOM   294 N NH1 . ARG A 1 36 ? -3.367  10.136  -0.702  1.00 16.79 ? 35   ARG A NH1 1 
ATOM   295 N NH2 . ARG A 1 36 ? -4.960  9.817   0.904   1.00 16.73 ? 35   ARG A NH2 1 
ATOM   296 N N   . THR A 1 37 ? -6.532  6.065   -5.618  1.00 8.13  ? 37   THR A N   1 
ATOM   297 C CA  . THR A 1 37 ? -6.368  5.368   -6.871  1.00 8.06  ? 37   THR A CA  1 
ATOM   298 C C   . THR A 1 37 ? -5.294  6.051   -7.684  1.00 8.11  ? 37   THR A C   1 
ATOM   299 O O   . THR A 1 37 ? -5.080  7.218   -7.539  1.00 7.91  ? 37   THR A O   1 
ATOM   300 C CB  . THR A 1 37 ? -7.655  5.434   -7.703  1.00 8.01  ? 37   THR A CB  1 
ATOM   301 O OG1 . THR A 1 37 ? -7.984  6.801   -7.954  1.00 7.92  ? 37   THR A OG1 1 
ATOM   302 C CG2 . THR A 1 37 ? -8.805  4.728   -6.983  1.00 8.14  ? 37   THR A CG2 1 
ATOM   303 N N   . PRO A 1 38 ? -4.628  5.211   -8.584  1.00 8.16  ? 38   PRO A N   1 
ATOM   304 C CA  . PRO A 1 38 ? -3.657  5.916   -9.426  1.00 8.39  ? 38   PRO A CA  1 
ATOM   305 C C   . PRO A 1 38 ? -4.268  7.029   -10.296 1.00 8.67  ? 38   PRO A C   1 
ATOM   306 O O   . PRO A 1 38 ? -3.561  7.869   -10.759 1.00 8.84  ? 38   PRO A O   1 
ATOM   307 C CB  . PRO A 1 38 ? -3.062  4.816   -10.319 1.00 8.30  ? 38   PRO A CB  1 
ATOM   308 C CG  . PRO A 1 38 ? -4.079  3.735   -10.354 1.00 8.29  ? 38   PRO A CG  1 
ATOM   309 C CD  . PRO A 1 38 ? -4.537  3.711   -8.956  1.00 8.27  ? 38   PRO A CD  1 
ATOM   310 N N   . GLU A 1 39 ? -5.564  6.975   -10.539 1.00 9.27  ? 39   GLU A N   1 
ATOM   311 C CA  . GLU A 1 39 ? -6.200  8.000   -11.328 1.00 9.68  ? 39   GLU A CA  1 
ATOM   312 C C   . GLU A 1 39 ? -6.184  9.331   -10.583 1.00 9.53  ? 39   GLU A C   1 
ATOM   313 O O   . GLU A 1 39 ? -5.978  10.369  -11.189 1.00 9.60  ? 39   GLU A O   1 
ATOM   314 C CB  . GLU A 1 39 ? -7.631  7.606   -11.666 1.00 10.19 ? 39   GLU A CB  1 
ATOM   315 C CG  . GLU A 1 39 ? -7.660  6.498   -12.688 1.00 10.79 ? 39   GLU A CG  1 
ATOM   316 C CD  . GLU A 1 39 ? -7.873  5.108   -12.098 1.00 11.48 ? 39   GLU A CD  1 
ATOM   317 O OE1 . GLU A 1 39 ? -7.341  4.794   -11.023 1.00 11.36 ? 39   GLU A OE1 1 
ATOM   318 O OE2 . GLU A 1 39 ? -8.587  4.331   -12.754 1.00 12.66 ? 39   GLU A OE2 1 
ATOM   319 N N   . ASN A 1 40 ? -6.440  9.277   -9.277  1.00 9.43  ? 40   ASN A N   1 
ATOM   320 C CA  . ASN A 1 40 ? -6.445  10.479  -8.436  1.00 9.50  ? 40   ASN A CA  1 
ATOM   321 C C   . ASN A 1 40 ? -5.058  10.918  -7.991  1.00 9.76  ? 40   ASN A C   1 
ATOM   322 O O   . ASN A 1 40 ? -4.804  12.110  -7.823  1.00 9.42  ? 40   ASN A O   1 
ATOM   323 C CB  . ASN A 1 40 ? -7.317  10.261  -7.202  1.00 9.54  ? 40   ASN A CB  1 
ATOM   324 C CG  . ASN A 1 40 ? -8.787  10.173  -7.545  1.00 9.66  ? 40   ASN A CG  1 
ATOM   325 O OD1 . ASN A 1 40 ? -9.218  10.702  -8.561  1.00 9.89  ? 40   ASN A OD1 1 
ATOM   326 N ND2 . ASN A 1 40 ? -9.566  9.507   -6.699  1.00 9.69  ? 40   ASN A ND2 1 
ATOM   327 N N   . TYR A 1 41 ? -4.185  9.934   -7.785  1.00 9.99  ? 41   TYR A N   1 
ATOM   328 C CA  . TYR A 1 41 ? -2.836  10.153  -7.282  1.00 10.64 ? 41   TYR A CA  1 
ATOM   329 C C   . TYR A 1 41 ? -1.862  9.526   -8.251  1.00 10.37 ? 41   TYR A C   1 
ATOM   330 O O   . TYR A 1 41 ? -1.309  8.471   -7.971  1.00 10.06 ? 41   TYR A O   1 
ATOM   331 C CB  . TYR A 1 41 ? -2.699  9.519   -5.903  1.00 11.31 ? 41   TYR A CB  1 
ATOM   332 C CG  . TYR A 1 41 ? -3.639  10.145  -4.920  1.00 12.26 ? 41   TYR A CG  1 
ATOM   333 C CD1 . TYR A 1 41 ? -3.284  11.301  -4.243  1.00 13.10 ? 41   TYR A CD1 1 
ATOM   334 C CD2 . TYR A 1 41 ? -4.911  9.622   -4.715  1.00 12.78 ? 41   TYR A CD2 1 
ATOM   335 C CE1 . TYR A 1 41 ? -4.154  11.899  -3.357  1.00 13.83 ? 41   TYR A CE1 1 
ATOM   336 C CE2 . TYR A 1 41 ? -5.785  10.208  -3.829  1.00 13.38 ? 41   TYR A CE2 1 
ATOM   337 C CZ  . TYR A 1 41 ? -5.404  11.347  -3.157  1.00 13.88 ? 41   TYR A CZ  1 
ATOM   338 O OH  . TYR A 1 41 ? -6.271  11.931  -2.275  1.00 15.10 ? 41   TYR A OH  1 
ATOM   339 N N   . PRO A 1 42 ? -1.647  10.182  -9.403  1.00 10.37 ? 42   PRO A N   1 
ATOM   340 C CA  . PRO A 1 42 ? -0.866  9.539   -10.445 1.00 10.31 ? 42   PRO A CA  1 
ATOM   341 C C   . PRO A 1 42 ? 0.632   9.405   -10.187 1.00 10.35 ? 42   PRO A C   1 
ATOM   342 O O   . PRO A 1 42 ? 1.304   8.716   -10.941 1.00 10.48 ? 42   PRO A O   1 
ATOM   343 C CB  . PRO A 1 42 ? -1.065  10.465  -11.650 1.00 10.45 ? 42   PRO A CB  1 
ATOM   344 C CG  . PRO A 1 42 ? -2.272  11.267  -11.348 1.00 10.49 ? 42   PRO A CG  1 
ATOM   345 C CD  . PRO A 1 42 ? -2.197  11.468  -9.868  1.00 10.43 ? 42   PRO A CD  1 
ATOM   346 N N   . ASN A 1 43 ? 1.151   10.047  -9.153  1.00 10.43 ? 43   ASN A N   1 
ATOM   347 C CA  A ASN A 1 43 ? 2.578   10.186  -8.930  0.50 10.52 ? 43   ASN A CA  1 
ATOM   348 C CA  B ASN A 1 43 ? 2.595   10.051  -8.987  0.50 10.64 ? 43   ASN A CA  1 
ATOM   349 C C   . ASN A 1 43 ? 3.076   9.482   -7.667  1.00 10.77 ? 43   ASN A C   1 
ATOM   350 O O   . ASN A 1 43 ? 4.193   9.733   -7.233  1.00 10.73 ? 43   ASN A O   1 
ATOM   351 C CB  A ASN A 1 43 ? 2.915   11.676  -8.844  0.50 10.44 ? 43   ASN A CB  1 
ATOM   352 C CB  B ASN A 1 43 ? 3.127   11.442  -9.282  0.50 10.70 ? 43   ASN A CB  1 
ATOM   353 C CG  A ASN A 1 43 ? 2.250   12.491  -9.940  0.50 10.37 ? 43   ASN A CG  1 
ATOM   354 C CG  B ASN A 1 43 ? 2.822   11.861  -10.703 0.50 10.73 ? 43   ASN A CG  1 
ATOM   355 O OD1 A ASN A 1 43 ? 2.235   12.097  -11.106 0.50 10.24 ? 43   ASN A OD1 1 
ATOM   356 O OD1 B ASN A 1 43 ? 3.246   11.206  -11.647 0.50 10.98 ? 43   ASN A OD1 1 
ATOM   357 N ND2 A ASN A 1 43 ? 1.686   13.629  -9.565  0.50 10.49 ? 43   ASN A ND2 1 
ATOM   358 N ND2 B ASN A 1 43 ? 2.035   12.910  -10.862 0.50 10.62 ? 43   ASN A ND2 1 
ATOM   359 N N   . ASP A 1 44 ? 2.238   8.636   -7.077  1.00 11.21 ? 44   ASP A N   1 
ATOM   360 C CA  . ASP A 1 44 ? 2.560   7.954   -5.828  1.00 11.63 ? 44   ASP A CA  1 
ATOM   361 C C   . ASP A 1 44 ? 2.913   6.478   -6.040  1.00 11.09 ? 44   ASP A C   1 
ATOM   362 O O   . ASP A 1 44 ? 3.085   5.730   -5.081  1.00 10.92 ? 44   ASP A O   1 
ATOM   363 C CB  . ASP A 1 44 ? 1.395   8.099   -4.850  1.00 12.52 ? 44   ASP A CB  1 
ATOM   364 C CG  . ASP A 1 44 ? 1.325   9.488   -4.233  1.00 13.42 ? 44   ASP A CG  1 
ATOM   365 O OD1 . ASP A 1 44 ? 2.318   9.908   -3.624  1.00 15.45 ? 44   ASP A OD1 1 
ATOM   366 O OD2 . ASP A 1 44 ? 0.283   10.155  -4.347  1.00 14.82 ? 44   ASP A OD2 1 
ATOM   367 N N   . GLY A 1 45 ? 3.025   6.064   -7.295  1.00 10.60 ? 45   GLY A N   1 
ATOM   368 C CA  . GLY A 1 45 ? 3.454   4.709   -7.617  1.00 10.26 ? 45   GLY A CA  1 
ATOM   369 C C   . GLY A 1 45 ? 2.439   3.636   -7.281  1.00 10.04 ? 45   GLY A C   1 
ATOM   370 O O   . GLY A 1 45 ? 2.818   2.508   -6.950  1.00 9.99  ? 45   GLY A O   1 
ATOM   371 N N   . LEU A 1 46 ? 1.161   3.968   -7.417  1.00 9.55  ? 46   LEU A N   1 
ATOM   372 C CA  . LEU A 1 46 ? 0.065   3.076   -7.011  1.00 9.37  ? 46   LEU A CA  1 
ATOM   373 C C   . LEU A 1 46 ? -0.196  1.982   -8.057  1.00 9.18  ? 46   LEU A C   1 
ATOM   374 O O   . LEU A 1 46 ? -1.291  1.858   -8.631  1.00 9.08  ? 46   LEU A O   1 
ATOM   375 C CB  . LEU A 1 46 ? -1.183  3.888   -6.704  1.00 9.40  ? 46   LEU A CB  1 
ATOM   376 C CG  . LEU A 1 46 ? -1.000  4.964   -5.628  1.00 9.40  ? 46   LEU A CG  1 
ATOM   377 C CD1 . LEU A 1 46 ? -2.296  5.744   -5.456  1.00 9.44  ? 46   LEU A CD1 1 
ATOM   378 C CD2 . LEU A 1 46 ? -0.511  4.370   -4.307  1.00 9.34  ? 46   LEU A CD2 1 
ATOM   379 N N   . THR A 1 47 ? 0.844   1.174   -8.229  1.00 9.00  ? 47   THR A N   1 
ATOM   380 C CA  . THR A 1 47 ? 0.946   0.123   -9.230  1.00 8.88  ? 47   THR A CA  1 
ATOM   381 C C   . THR A 1 47 ? 0.460   -1.189  -8.642  1.00 8.62  ? 47   THR A C   1 
ATOM   382 O O   . THR A 1 47 ? 0.857   -1.555  -7.529  1.00 8.44  ? 47   THR A O   1 
ATOM   383 C CB  . THR A 1 47 ? 2.420   -0.053  -9.635  1.00 8.96  ? 47   THR A CB  1 
ATOM   384 O OG1 . THR A 1 47 ? 2.899   1.174   -10.191 1.00 9.33  ? 47   THR A OG1 1 
ATOM   385 C CG2 . THR A 1 47 ? 2.616   -1.182  -10.648 1.00 8.92  ? 47   THR A CG2 1 
ATOM   386 N N   . MET A 1 48 ? -0.384  -1.889  -9.400  1.00 8.34  ? 48   MET A N   1 
ATOM   387 C CA  . MET A 1 48 ? -0.915  -3.189  -8.995  1.00 8.36  ? 48   MET A CA  1 
ATOM   388 C C   . MET A 1 48 ? -1.362  -3.127  -7.528  1.00 7.96  ? 48   MET A C   1 
ATOM   389 O O   . MET A 1 48 ? -2.102  -2.222  -7.165  1.00 7.80  ? 48   MET A O   1 
ATOM   390 C CB  . MET A 1 48 ? 0.129   -4.283  -9.261  1.00 8.73  ? 48   MET A CB  1 
ATOM   391 C CG  . MET A 1 48 ? 0.391   -4.522  -10.745 1.00 9.16  ? 48   MET A CG  1 
ATOM   392 S SD  . MET A 1 48 ? 1.577   -5.847  -11.072 1.00 9.98  ? 48   MET A SD  1 
ATOM   393 C CE  . MET A 1 48 ? 1.178   -6.232  -12.771 1.00 10.15 ? 48   MET A CE  1 
ATOM   394 N N   . ASN A 1 49 ? -0.895  -4.052  -6.694  1.00 7.59  ? 49   ASN A N   1 
ATOM   395 C CA  . ASN A 1 49 ? -1.241  -4.085  -5.270  1.00 7.41  ? 49   ASN A CA  1 
ATOM   396 C C   . ASN A 1 49 ? 0.003   -3.943  -4.405  1.00 7.36  ? 49   ASN A C   1 
ATOM   397 O O   . ASN A 1 49 ? 0.074   -4.486  -3.301  1.00 7.43  ? 49   ASN A O   1 
ATOM   398 C CB  . ASN A 1 49 ? -1.978  -5.380  -4.923  1.00 7.31  ? 49   ASN A CB  1 
ATOM   399 C CG  . ASN A 1 49 ? -1.139  -6.631  -5.192  1.00 7.17  ? 49   ASN A CG  1 
ATOM   400 O OD1 . ASN A 1 49 ? -0.290  -6.638  -6.076  1.00 7.19  ? 49   ASN A OD1 1 
ATOM   401 N ND2 . ASN A 1 49 ? -1.400  -7.694  -4.443  1.00 7.04  ? 49   ASN A ND2 1 
ATOM   402 N N   . TYR A 1 50 ? 0.990   -3.216  -4.915  1.00 7.34  ? 50   TYR A N   1 
ATOM   403 C CA  . TYR A 1 50 ? 2.249   -3.050  -4.200  1.00 7.34  ? 50   TYR A CA  1 
ATOM   404 C C   . TYR A 1 50 ? 2.090   -2.137  -2.995  1.00 7.43  ? 50   TYR A C   1 
ATOM   405 O O   . TYR A 1 50 ? 1.370   -1.149  -3.040  1.00 7.34  ? 50   TYR A O   1 
ATOM   406 C CB  . TYR A 1 50 ? 3.342   -2.522  -5.136  1.00 7.34  ? 50   TYR A CB  1 
ATOM   407 C CG  . TYR A 1 50 ? 3.685   -3.453  -6.288  1.00 7.38  ? 50   TYR A CG  1 
ATOM   408 C CD1 . TYR A 1 50 ? 3.572   -4.839  -6.156  1.00 7.47  ? 50   TYR A CD1 1 
ATOM   409 C CD2 . TYR A 1 50 ? 4.129   -2.950  -7.505  1.00 7.40  ? 50   TYR A CD2 1 
ATOM   410 C CE1 . TYR A 1 50 ? 3.885   -5.692  -7.200  1.00 7.54  ? 50   TYR A CE1 1 
ATOM   411 C CE2 . TYR A 1 50 ? 4.455   -3.799  -8.552  1.00 7.58  ? 50   TYR A CE2 1 
ATOM   412 C CZ  . TYR A 1 50 ? 4.331   -5.170  -8.393  1.00 7.57  ? 50   TYR A CZ  1 
ATOM   413 O OH  . TYR A 1 50 ? 4.652   -6.030  -9.431  1.00 7.81  ? 50   TYR A OH  1 
ATOM   414 N N   . CYS A 1 51 ? 2.766   -2.498  -1.910  1.00 7.70  ? 51   CYS A N   1 
ATOM   415 C CA  . CYS A 1 51 ? 2.767   -1.711  -0.683  1.00 8.09  ? 51   CYS A CA  1 
ATOM   416 C C   . CYS A 1 51 ? 3.236   -0.297  -0.967  1.00 7.85  ? 51   CYS A C   1 
ATOM   417 O O   . CYS A 1 51 ? 4.303   -0.116  -1.550  1.00 7.87  ? 51   CYS A O   1 
ATOM   418 C CB  . CYS A 1 51 ? 3.711   -2.361  0.320   1.00 8.50  ? 51   CYS A CB  1 
ATOM   419 S SG  . CYS A 1 51 ? 3.082   -3.946  0.861   1.00 9.15  ? 51   CYS A SG  1 
ATOM   420 N N   . ARG A 1 52 ? 2.443   0.696   -0.569  1.00 7.75  ? 52   ARG A N   1 
ATOM   421 C CA  . ARG A 1 52 ? 2.799   2.097   -0.805  1.00 7.60  ? 52   ARG A CA  1 
ATOM   422 C C   . ARG A 1 52 ? 2.395   2.972   0.366   1.00 7.62  ? 52   ARG A C   1 
ATOM   423 O O   . ARG A 1 52 ? 1.521   2.615   1.148   1.00 7.46  ? 52   ARG A O   1 
ATOM   424 C CB  . ARG A 1 52 ? 2.130   2.639   -2.075  1.00 7.48  ? 52   ARG A CB  1 
ATOM   425 C CG  . ARG A 1 52 ? 2.612   2.002   -3.369  1.00 7.38  ? 52   ARG A CG  1 
ATOM   426 C CD  . ARG A 1 52 ? 4.029   2.430   -3.710  1.00 7.26  ? 52   ARG A CD  1 
ATOM   427 N NE  . ARG A 1 52 ? 4.475   1.817   -4.957  1.00 7.23  ? 52   ARG A NE  1 
ATOM   428 C CZ  . ARG A 1 52 ? 5.166   0.682   -5.063  1.00 7.19  ? 52   ARG A CZ  1 
ATOM   429 N NH1 . ARG A 1 52 ? 5.560   0.002   -3.990  1.00 7.21  ? 52   ARG A NH1 1 
ATOM   430 N NH2 . ARG A 1 52 ? 5.502   0.238   -6.266  1.00 7.15  ? 52   ARG A NH2 1 
ATOM   431 N N   . ASN A 1 53 ? 3.047   4.123   0.475   1.00 7.73  ? 53   ASN A N   1 
ATOM   432 C CA  . ASN A 1 53 ? 2.647   5.136   1.432   1.00 7.91  ? 53   ASN A CA  1 
ATOM   433 C C   . ASN A 1 53 ? 2.350   6.451   0.712   1.00 8.21  ? 53   ASN A C   1 
ATOM   434 O O   . ASN A 1 53 ? 3.161   7.357   0.713   1.00 8.42  ? 53   ASN A O   1 
ATOM   435 C CB  . ASN A 1 53 ? 3.712   5.316   2.514   1.00 7.80  ? 53   ASN A CB  1 
ATOM   436 C CG  . ASN A 1 53 ? 3.323   6.383   3.523   1.00 7.77  ? 53   ASN A CG  1 
ATOM   437 O OD1 . ASN A 1 53 ? 2.169   6.786   3.569   1.00 7.69  ? 53   ASN A OD1 1 
ATOM   438 N ND2 . ASN A 1 53 ? 4.284   6.860   4.313   1.00 7.72  ? 53   ASN A ND2 1 
ATOM   439 N N   . PRO A 1 54 ? 1.180   6.551   0.074   1.00 8.65  ? 54   PRO A N   1 
ATOM   440 C CA  . PRO A 1 54 ? 0.848   7.747   -0.693  1.00 9.06  ? 54   PRO A CA  1 
ATOM   441 C C   . PRO A 1 54 ? 0.273   8.885   0.158   1.00 9.61  ? 54   PRO A C   1 
ATOM   442 O O   . PRO A 1 54 ? 0.045   9.981   -0.362  1.00 10.23 ? 54   PRO A O   1 
ATOM   443 C CB  . PRO A 1 54 ? -0.205  7.235   -1.678  1.00 9.02  ? 54   PRO A CB  1 
ATOM   444 C CG  . PRO A 1 54 ? -0.887  6.137   -0.933  1.00 8.87  ? 54   PRO A CG  1 
ATOM   445 C CD  . PRO A 1 54 ? 0.138   5.516   -0.037  1.00 8.68  ? 54   PRO A CD  1 
ATOM   446 N N   . ASP A 1 55 ? 0.049   8.643   1.447   1.00 9.79  ? 55   ASP A N   1 
ATOM   447 C CA  . ASP A 1 55 ? -0.675  9.605   2.281   1.00 9.89  ? 55   ASP A CA  1 
ATOM   448 C C   . ASP A 1 55 ? 0.074   10.002  3.557   1.00 9.95  ? 55   ASP A C   1 
ATOM   449 O O   . ASP A 1 55 ? -0.545  10.296  4.581   1.00 10.32 ? 55   ASP A O   1 
ATOM   450 C CB  . ASP A 1 55 ? -2.060  9.043   2.629   1.00 10.06 ? 55   ASP A CB  1 
ATOM   451 C CG  . ASP A 1 55 ? -1.995  7.820   3.535   1.00 10.20 ? 55   ASP A CG  1 
ATOM   452 O OD1 . ASP A 1 55 ? -0.891  7.253   3.712   1.00 10.00 ? 55   ASP A OD1 1 
ATOM   453 O OD2 . ASP A 1 55 ? -3.066  7.426   4.061   1.00 10.61 ? 55   ASP A OD2 1 
ATOM   454 N N   . ALA A 1 56 ? 1.395   10.035  3.491   1.00 9.96  ? 56   ALA A N   1 
ATOM   455 C CA  . ALA A 1 56 ? 2.203   10.467  4.624   1.00 9.89  ? 56   ALA A CA  1 
ATOM   456 C C   . ALA A 1 56 ? 1.860   9.683   5.914   1.00 9.76  ? 56   ALA A C   1 
ATOM   457 O O   . ALA A 1 56 ? 1.751   10.245  6.979   1.00 9.67  ? 56   ALA A O   1 
ATOM   458 C CB  . ALA A 1 56 ? 2.068   11.972  4.843   1.00 9.98  ? 56   ALA A CB  1 
ATOM   459 N N   . ASP A 1 57 ? 1.688   8.379   5.777   1.00 9.44  ? 57   ASP A N   1 
ATOM   460 C CA  . ASP A 1 57 ? 1.649   7.516   6.944   1.00 9.49  ? 57   ASP A CA  1 
ATOM   461 C C   . ASP A 1 57 ? 3.108   7.287   7.361   1.00 9.40  ? 57   ASP A C   1 
ATOM   462 O O   . ASP A 1 57 ? 3.966   8.087   7.013   1.00 9.32  ? 57   ASP A O   1 
ATOM   463 C CB  . ASP A 1 57 ? 0.879   6.218   6.676   1.00 9.51  ? 57   ASP A CB  1 
ATOM   464 C CG  . ASP A 1 57 ? 0.268   5.613   7.943   1.00 9.47  ? 57   ASP A CG  1 
ATOM   465 O OD1 . ASP A 1 57 ? 1.004   5.375   8.895   1.00 9.41  ? 57   ASP A OD1 1 
ATOM   466 O OD2 . ASP A 1 57 ? -0.942  5.344   7.943   1.00 9.73  ? 57   ASP A OD2 1 
ATOM   467 N N   . THR A 1 58 ? 3.376   6.225   8.112   1.00 9.50  ? 58   THR A N   1 
ATOM   468 C CA  . THR A 1 58 ? 4.699   6.046   8.677   1.00 9.62  ? 58   THR A CA  1 
ATOM   469 C C   . THR A 1 58 ? 5.414   4.812   8.129   1.00 9.69  ? 58   THR A C   1 
ATOM   470 O O   . THR A 1 58 ? 6.492   4.491   8.554   1.00 10.05 ? 58   THR A O   1 
ATOM   471 C CB  . THR A 1 58 ? 4.636   5.962   10.207  1.00 9.83  ? 58   THR A CB  1 
ATOM   472 O OG1 . THR A 1 58 ? 3.782   4.883   10.581  1.00 10.18 ? 58   THR A OG1 1 
ATOM   473 C CG2 . THR A 1 58 ? 4.109   7.271   10.786  1.00 9.83  ? 58   THR A CG2 1 
ATOM   474 N N   . GLY A 1 59 ? 4.765   4.148   7.192   1.00 8.21  ? 60   GLY A N   1 
ATOM   475 C CA  . GLY A 1 59 ? 5.335   3.039   6.476   1.00 8.02  ? 60   GLY A CA  1 
ATOM   476 C C   . GLY A 1 59 ? 4.442   2.635   5.323   1.00 8.01  ? 60   GLY A C   1 
ATOM   477 O O   . GLY A 1 59 ? 3.312   3.011   5.256   1.00 8.10  ? 60   GLY A O   1 
ATOM   478 N N   . PRO A 1 60 ? 5.080   1.833   4.356   1.00 7.83  ? 61   PRO A N   1 
ATOM   479 C CA  . PRO A 1 60 ? 4.190   1.418   3.262   1.00 7.65  ? 61   PRO A CA  1 
ATOM   480 C C   . PRO A 1 60 ? 3.011   0.621   3.804   1.00 7.33  ? 61   PRO A C   1 
ATOM   481 O O   . PRO A 1 60 ? 3.145   -0.044  4.793   1.00 7.27  ? 61   PRO A O   1 
ATOM   482 C CB  . PRO A 1 60 ? 5.065   0.525   2.374   1.00 7.71  ? 61   PRO A CB  1 
ATOM   483 C CG  . PRO A 1 60 ? 6.452   0.968   2.615   1.00 7.79  ? 61   PRO A CG  1 
ATOM   484 C CD  . PRO A 1 60 ? 6.488   1.260   4.063   1.00 7.92  ? 61   PRO A CD  1 
ATOM   485 N N   . TRP A 1 61 ? 1.874   0.714   3.140   1.00 7.02  ? 62   TRP A N   1 
ATOM   486 C CA  . TRP A 1 61 ? 0.686   0.023   3.582   1.00 6.93  ? 62   TRP A CA  1 
ATOM   487 C C   . TRP A 1 61 ? -0.165  -0.311  2.359   1.00 6.84  ? 62   TRP A C   1 
ATOM   488 O O   . TRP A 1 61 ? 0.185   0.009   1.253   1.00 6.78  ? 62   TRP A O   1 
ATOM   489 C CB  . TRP A 1 61 ? -0.127  0.889   4.566   1.00 6.83  ? 62   TRP A CB  1 
ATOM   490 C CG  . TRP A 1 61 ? -0.549  2.234   4.008   1.00 6.69  ? 62   TRP A CG  1 
ATOM   491 C CD1 . TRP A 1 61 ? 0.148   3.389   4.075   1.00 6.63  ? 62   TRP A CD1 1 
ATOM   492 C CD2 . TRP A 1 61 ? -1.759  2.542   3.290   1.00 6.55  ? 62   TRP A CD2 1 
ATOM   493 N NE1 . TRP A 1 61 ? -0.542  4.402   3.457   1.00 6.60  ? 62   TRP A NE1 1 
ATOM   494 C CE2 . TRP A 1 61 ? -1.711  3.901   2.964   1.00 6.55  ? 62   TRP A CE2 1 
ATOM   495 C CE3 . TRP A 1 61 ? -2.874  1.800   2.911   1.00 6.57  ? 62   TRP A CE3 1 
ATOM   496 C CZ2 . TRP A 1 61 ? -2.725  4.529   2.268   1.00 6.50  ? 62   TRP A CZ2 1 
ATOM   497 C CZ3 . TRP A 1 61 ? -3.874  2.428   2.226   1.00 6.48  ? 62   TRP A CZ3 1 
ATOM   498 C CH2 . TRP A 1 61 ? -3.796  3.776   1.908   1.00 6.51  ? 62   TRP A CH2 1 
ATOM   499 N N   . CYS A 1 62 ? -1.286  -0.966  2.596   1.00 6.91  ? 63   CYS A N   1 
ATOM   500 C CA  . CYS A 1 62 ? -2.238  -1.209  1.534   1.00 6.97  ? 63   CYS A CA  1 
ATOM   501 C C   . CYS A 1 62 ? -3.591  -1.530  2.116   1.00 6.86  ? 63   CYS A C   1 
ATOM   502 O O   . CYS A 1 62 ? -3.703  -1.945  3.268   1.00 6.77  ? 63   CYS A O   1 
ATOM   503 C CB  . CYS A 1 62 ? -1.774  -2.380  0.682   1.00 7.09  ? 63   CYS A CB  1 
ATOM   504 S SG  . CYS A 1 62 ? -1.492  -3.897  1.621   1.00 7.39  ? 63   CYS A SG  1 
ATOM   505 N N   . PHE A 1 63 ? -4.619  -1.335  1.303   1.00 6.84  ? 64   PHE A N   1 
ATOM   506 C CA  . PHE A 1 63 ? -5.905  -1.914  1.597   1.00 6.87  ? 64   PHE A CA  1 
ATOM   507 C C   . PHE A 1 63 ? -5.702  -3.421  1.483   1.00 6.94  ? 64   PHE A C   1 
ATOM   508 O O   . PHE A 1 63 ? -4.915  -3.862  0.646   1.00 7.10  ? 64   PHE A O   1 
ATOM   509 C CB  . PHE A 1 63 ? -6.973  -1.405  0.629   1.00 6.77  ? 64   PHE A CB  1 
ATOM   510 C CG  . PHE A 1 63 ? -7.149  0.083   0.672   1.00 6.74  ? 64   PHE A CG  1 
ATOM   511 C CD1 . PHE A 1 63 ? -7.805  0.681   1.729   1.00 6.76  ? 64   PHE A CD1 1 
ATOM   512 C CD2 . PHE A 1 63 ? -6.588  0.893   -0.309  1.00 6.75  ? 64   PHE A CD2 1 
ATOM   513 C CE1 . PHE A 1 63 ? -7.947  2.056   1.789   1.00 6.74  ? 64   PHE A CE1 1 
ATOM   514 C CE2 . PHE A 1 63 ? -6.733  2.262   -0.258  1.00 6.73  ? 64   PHE A CE2 1 
ATOM   515 C CZ  . PHE A 1 63 ? -7.400  2.848   0.798   1.00 6.73  ? 64   PHE A CZ  1 
ATOM   516 N N   . THR A 1 64 ? -6.406  -4.201  2.302   1.00 7.18  ? 65   THR A N   1 
ATOM   517 C CA  . THR A 1 64 ? -6.192  -5.656  2.327   1.00 7.39  ? 65   THR A CA  1 
ATOM   518 C C   . THR A 1 64 ? -7.315  -6.379  1.592   1.00 7.67  ? 65   THR A C   1 
ATOM   519 O O   . THR A 1 64 ? -8.416  -5.875  1.467   1.00 7.61  ? 65   THR A O   1 
ATOM   520 C CB  . THR A 1 64 ? -6.074  -6.246  3.763   1.00 7.28  ? 65   THR A CB  1 
ATOM   521 O OG1 . THR A 1 64 ? -7.360  -6.655  4.241   1.00 7.25  ? 65   THR A OG1 1 
ATOM   522 C CG2 . THR A 1 64 ? -5.469  -5.265  4.742   1.00 7.32  ? 65   THR A CG2 1 
ATOM   523 N N   . MET A 1 65 ? -7.013  -7.577  1.111   1.00 8.05  ? 66   MET A N   1 
ATOM   524 C CA  . MET A 1 65 ? -7.993  -8.402  0.414   1.00 8.45  ? 66   MET A CA  1 
ATOM   525 C C   . MET A 1 65 ? -9.005  -9.053  1.353   1.00 8.57  ? 66   MET A C   1 
ATOM   526 O O   . MET A 1 65 ? -9.977  -9.645  0.893   1.00 8.55  ? 66   MET A O   1 
ATOM   527 C CB  . MET A 1 65 ? -7.284  -9.476  -0.413  1.00 8.59  ? 66   MET A CB  1 
ATOM   528 C CG  . MET A 1 65 ? -6.649  -8.932  -1.676  1.00 8.88  ? 66   MET A CG  1 
ATOM   529 S SD  . MET A 1 65 ? -7.799  -8.042  -2.740  1.00 9.50  ? 66   MET A SD  1 
ATOM   530 C CE  . MET A 1 65 ? -8.930  -9.351  -3.199  1.00 9.68  ? 66   MET A CE  1 
ATOM   531 N N   . ASP A 1 66 ? -8.787  -8.935  2.658   1.00 8.81  ? 67   ASP A N   1 
ATOM   532 C CA  . ASP A 1 66 ? -9.788  -9.324  3.645   1.00 8.92  ? 67   ASP A CA  1 
ATOM   533 C C   . ASP A 1 66 ? -10.832 -8.214  3.738   1.00 8.85  ? 67   ASP A C   1 
ATOM   534 O O   . ASP A 1 66 ? -10.529 -7.125  4.185   1.00 8.68  ? 67   ASP A O   1 
ATOM   535 C CB  . ASP A 1 66 ? -9.127  -9.543  5.008   1.00 9.19  ? 67   ASP A CB  1 
ATOM   536 C CG  . ASP A 1 66 ? -10.059 -10.200 6.019   1.00 9.30  ? 67   ASP A CG  1 
ATOM   537 O OD1 . ASP A 1 66 ? -11.289 -9.993  5.943   1.00 9.53  ? 67   ASP A OD1 1 
ATOM   538 O OD2 . ASP A 1 66 ? -9.549  -10.952 6.877   1.00 9.38  ? 67   ASP A OD2 1 
ATOM   539 N N   . PRO A 1 67 ? -12.085 -8.491  3.334   1.00 8.97  ? 68   PRO A N   1 
ATOM   540 C CA  . PRO A 1 67 ? -13.086 -7.419  3.415   1.00 9.03  ? 68   PRO A CA  1 
ATOM   541 C C   . PRO A 1 67 ? -13.293 -6.845  4.822   1.00 9.05  ? 68   PRO A C   1 
ATOM   542 O O   . PRO A 1 67 ? -13.777 -5.734  4.961   1.00 9.09  ? 68   PRO A O   1 
ATOM   543 C CB  . PRO A 1 67 ? -14.367 -8.099  2.910   1.00 9.13  ? 68   PRO A CB  1 
ATOM   544 C CG  . PRO A 1 67 ? -13.889 -9.258  2.094   1.00 9.08  ? 68   PRO A CG  1 
ATOM   545 C CD  . PRO A 1 67 ? -12.663 -9.738  2.807   1.00 9.02  ? 68   PRO A CD  1 
ATOM   546 N N   . SER A 1 68 ? -12.917 -7.584  5.859   1.00 9.30  ? 69   SER A N   1 
ATOM   547 C CA  . SER A 1 68 ? -13.103 -7.105  7.225   1.00 9.52  ? 69   SER A CA  1 
ATOM   548 C C   . SER A 1 68 ? -11.931 -6.249  7.745   1.00 9.27  ? 69   SER A C   1 
ATOM   549 O O   . SER A 1 68 ? -12.035 -5.654  8.827   1.00 9.25  ? 69   SER A O   1 
ATOM   550 C CB  . SER A 1 68 ? -13.368 -8.279  8.169   1.00 9.92  ? 69   SER A CB  1 
ATOM   551 O OG  . SER A 1 68 ? -12.169 -8.957  8.495   1.00 10.61 ? 69   SER A OG  1 
ATOM   552 N N   . ILE A 1 69 ? -10.844 -6.171  6.976   1.00 8.82  ? 70   ILE A N   1 
ATOM   553 C CA  . ILE A 1 69 ? -9.667  -5.378  7.352   1.00 8.54  ? 70   ILE A CA  1 
ATOM   554 C C   . ILE A 1 69 ? -9.379  -4.338  6.265   1.00 8.24  ? 70   ILE A C   1 
ATOM   555 O O   . ILE A 1 69 ? -8.827  -4.642  5.201   1.00 7.93  ? 70   ILE A O   1 
ATOM   556 C CB  . ILE A 1 69 ? -8.424  -6.263  7.582   1.00 8.64  ? 70   ILE A CB  1 
ATOM   557 C CG1 . ILE A 1 69 ? -8.709  -7.382  8.600   1.00 8.61  ? 70   ILE A CG1 1 
ATOM   558 C CG2 . ILE A 1 69 ? -7.231  -5.415  8.022   1.00 8.71  ? 70   ILE A CG2 1 
ATOM   559 C CD1 . ILE A 1 69 ? -9.054  -6.921  10.002  1.00 8.57  ? 70   ILE A CD1 1 
ATOM   560 N N   . ARG A 1 70 ? -9.767  -3.102  6.548   1.00 8.07  ? 71   ARG A N   1 
ATOM   561 C CA  . ARG A 1 70 ? -9.668  -2.020  5.582   1.00 8.20  ? 71   ARG A CA  1 
ATOM   562 C C   . ARG A 1 70 ? -8.260  -1.893  5.024   1.00 8.14  ? 71   ARG A C   1 
ATOM   563 O O   . ARG A 1 70 ? -8.056  -1.913  3.813   1.00 8.01  ? 71   ARG A O   1 
ATOM   564 C CB  . ARG A 1 70 ? -10.071 -0.695  6.238   1.00 8.25  ? 71   ARG A CB  1 
ATOM   565 C CG  . ARG A 1 70 ? -9.848  0.518   5.349   1.00 8.39  ? 71   ARG A CG  1 
ATOM   566 C CD  . ARG A 1 70 ? -10.946 0.634   4.308   1.00 8.47  ? 71   ARG A CD  1 
ATOM   567 N NE  . ARG A 1 70 ? -10.859 1.899   3.594   1.00 8.56  ? 71   ARG A NE  1 
ATOM   568 C CZ  . ARG A 1 70 ? -11.677 2.260   2.613   1.00 8.76  ? 71   ARG A CZ  1 
ATOM   569 N NH1 . ARG A 1 70 ? -12.668 1.451   2.235   1.00 8.75  ? 71   ARG A NH1 1 
ATOM   570 N NH2 . ARG A 1 70 ? -11.506 3.433   2.012   1.00 8.89  ? 71   ARG A NH2 1 
ATOM   571 N N   . TRP A 1 71 ? -7.296  -1.771  5.926   1.00 8.21  ? 72   TRP A N   1 
ATOM   572 C CA  . TRP A 1 71 ? -5.924  -1.573  5.529   1.00 8.25  ? 72   TRP A CA  1 
ATOM   573 C C   . TRP A 1 71 ? -4.987  -2.049  6.630   1.00 8.14  ? 72   TRP A C   1 
ATOM   574 O O   . TRP A 1 71 ? -5.379  -2.154  7.791   1.00 7.94  ? 72   TRP A O   1 
ATOM   575 C CB  . TRP A 1 71 ? -5.678  -0.094  5.234   1.00 8.45  ? 72   TRP A CB  1 
ATOM   576 C CG  . TRP A 1 71 ? -5.618  0.733   6.479   1.00 8.59  ? 72   TRP A CG  1 
ATOM   577 C CD1 . TRP A 1 71 ? -6.670  1.229   7.178   1.00 8.73  ? 72   TRP A CD1 1 
ATOM   578 C CD2 . TRP A 1 71 ? -4.439  1.135   7.186   1.00 8.73  ? 72   TRP A CD2 1 
ATOM   579 N NE1 . TRP A 1 71 ? -6.225  1.921   8.276   1.00 8.90  ? 72   TRP A NE1 1 
ATOM   580 C CE2 . TRP A 1 71 ? -4.860  1.883   8.303   1.00 8.64  ? 72   TRP A CE2 1 
ATOM   581 C CE3 . TRP A 1 71 ? -3.075  0.945   6.982   1.00 8.76  ? 72   TRP A CE3 1 
ATOM   582 C CZ2 . TRP A 1 71 ? -3.968  2.436   9.209   1.00 8.76  ? 72   TRP A CZ2 1 
ATOM   583 C CZ3 . TRP A 1 71 ? -2.183  1.494   7.887   1.00 8.72  ? 72   TRP A CZ3 1 
ATOM   584 C CH2 . TRP A 1 71 ? -2.637  2.234   8.988   1.00 8.80  ? 72   TRP A CH2 1 
ATOM   585 N N   . GLU A 1 72 ? -3.750  -2.329  6.243   1.00 8.03  ? 73   GLU A N   1 
ATOM   586 C CA  . GLU A 1 72 ? -2.700  -2.697  7.184   1.00 8.05  ? 73   GLU A CA  1 
ATOM   587 C C   . GLU A 1 72 ? -1.364  -2.214  6.679   1.00 7.83  ? 73   GLU A C   1 
ATOM   588 O O   . GLU A 1 72 ? -1.178  -2.020  5.477   1.00 7.67  ? 73   GLU A O   1 
ATOM   589 C CB  . GLU A 1 72 ? -2.632  -4.209  7.348   1.00 8.43  ? 73   GLU A CB  1 
ATOM   590 C CG  . GLU A 1 72 ? -3.758  -4.798  8.184   1.00 8.87  ? 73   GLU A CG  1 
ATOM   591 C CD  . GLU A 1 72 ? -3.817  -6.311  8.152   1.00 9.23  ? 73   GLU A CD  1 
ATOM   592 O OE1 . GLU A 1 72 ? -3.561  -6.926  7.095   1.00 9.35  ? 73   GLU A OE1 1 
ATOM   593 O OE2 . GLU A 1 72 ? -4.188  -6.902  9.195   1.00 10.38 ? 73   GLU A OE2 1 
ATOM   594 N N   . TYR A 1 73 ? -0.418  -2.067  7.596   1.00 7.73  ? 74   TYR A N   1 
ATOM   595 C CA  . TYR A 1 73 ? 0.961   -1.840  7.208   1.00 7.78  ? 74   TYR A CA  1 
ATOM   596 C C   . TYR A 1 73 ? 1.513   -3.091  6.581   1.00 7.98  ? 74   TYR A C   1 
ATOM   597 O O   . TYR A 1 73 ? 1.114   -4.208  6.907   1.00 7.78  ? 74   TYR A O   1 
ATOM   598 C CB  . TYR A 1 73 ? 1.826   -1.456  8.400   1.00 7.66  ? 74   TYR A CB  1 
ATOM   599 C CG  . TYR A 1 73 ? 1.463   -0.122  8.970   1.00 7.51  ? 74   TYR A CG  1 
ATOM   600 C CD1 . TYR A 1 73 ? 1.848   1.057   8.331   1.00 7.45  ? 74   TYR A CD1 1 
ATOM   601 C CD2 . TYR A 1 73 ? 0.727   -0.030  10.143  1.00 7.49  ? 74   TYR A CD2 1 
ATOM   602 C CE1 . TYR A 1 73 ? 1.517   2.289   8.856   1.00 7.47  ? 74   TYR A CE1 1 
ATOM   603 C CE2 . TYR A 1 73 ? 0.390   1.195   10.676  1.00 7.43  ? 74   TYR A CE2 1 
ATOM   604 C CZ  . TYR A 1 73 ? 0.782   2.348   10.034  1.00 7.45  ? 74   TYR A CZ  1 
ATOM   605 O OH  . TYR A 1 73 ? 0.426   3.562   10.571  1.00 7.56  ? 74   TYR A OH  1 
ATOM   606 N N   . CYS A 1 74 ? 2.447   -2.894  5.670   1.00 8.42  ? 75   CYS A N   1 
ATOM   607 C CA  . CYS A 1 74 ? 3.119   -4.010  5.057   1.00 8.81  ? 75   CYS A CA  1 
ATOM   608 C C   . CYS A 1 74 ? 4.226   -4.547  5.936   1.00 8.82  ? 75   CYS A C   1 
ATOM   609 O O   . CYS A 1 74 ? 4.761   -3.829  6.766   1.00 8.64  ? 75   CYS A O   1 
ATOM   610 C CB  . CYS A 1 74 ? 3.621   -3.597  3.699   1.00 9.12  ? 75   CYS A CB  1 
ATOM   611 S SG  . CYS A 1 74 ? 2.206   -3.487  2.602   1.00 9.97  ? 75   CYS A SG  1 
ATOM   612 N N   . ALA A 1 75 ? 4.548   -5.822  5.734   1.00 9.15  ? 76   ALA A N   1 
ATOM   613 C CA  . ALA A 1 75 ? 5.528   -6.533  6.539   1.00 9.63  ? 76   ALA A CA  1 
ATOM   614 C C   . ALA A 1 75 ? 6.932   -6.220  6.020   1.00 10.17 ? 76   ALA A C   1 
ATOM   615 O O   . ALA A 1 75 ? 7.627   -7.082  5.479   1.00 10.49 ? 76   ALA A O   1 
ATOM   616 C CB  . ALA A 1 75 ? 5.246   -8.025  6.506   1.00 9.54  ? 76   ALA A CB  1 
ATOM   617 N N   . LEU A 1 76 ? 7.308   -4.954  6.161   1.00 10.57 ? 77   LEU A N   1 
ATOM   618 C CA  . LEU A 1 76 ? 8.608   -4.454  5.784   1.00 10.93 ? 77   LEU A CA  1 
ATOM   619 C C   . LEU A 1 76 ? 9.199   -3.780  7.001   1.00 11.44 ? 77   LEU A C   1 
ATOM   620 O O   . LEU A 1 76 ? 8.479   -3.304  7.894   1.00 11.68 ? 77   LEU A O   1 
ATOM   621 C CB  . LEU A 1 76 ? 8.487   -3.429  4.664   1.00 11.10 ? 77   LEU A CB  1 
ATOM   622 C CG  . LEU A 1 76 ? 7.961   -3.887  3.307   1.00 11.12 ? 77   LEU A CG  1 
ATOM   623 C CD1 . LEU A 1 76 ? 7.529   -2.675  2.485   1.00 11.29 ? 77   LEU A CD1 1 
ATOM   624 C CD2 . LEU A 1 76 ? 8.995   -4.722  2.564   1.00 11.20 ? 77   LEU A CD2 1 
ATOM   625 N N   . THR A 1 77 ? 10.515  -3.729  7.033   1.00 11.89 ? 78   THR A N   1 
ATOM   626 C CA  . THR A 1 77 ? 11.223  -3.079  8.114   1.00 12.35 ? 78   THR A CA  1 
ATOM   627 C C   . THR A 1 77 ? 11.747  -1.746  7.603   1.00 12.12 ? 78   THR A C   1 
ATOM   628 O O   . THR A 1 77 ? 11.784  -1.517  6.397   1.00 11.73 ? 78   THR A O   1 
ATOM   629 C CB  . THR A 1 77 ? 12.378  -3.961  8.628   1.00 12.74 ? 78   THR A CB  1 
ATOM   630 O OG1 . THR A 1 77 ? 13.009  -3.304  9.730   1.00 14.31 ? 78   THR A OG1 1 
ATOM   631 C CG2 . THR A 1 77 ? 13.417  -4.204  7.550   1.00 12.79 ? 78   THR A CG2 1 
ATOM   632 N N   . ARG A 1 78 ? 12.135  -0.856  8.508   1.00 12.07 ? 79   ARG A N   1 
ATOM   633 C CA  . ARG A 1 78 ? 12.763  0.378   8.071   1.00 12.22 ? 79   ARG A CA  1 
ATOM   634 C C   . ARG A 1 78 ? 14.262  0.156   7.843   1.00 12.68 ? 79   ARG A C   1 
ATOM   635 O O   . ARG A 1 78 ? 14.945  -0.426  8.691   1.00 12.39 ? 79   ARG A O   1 
ATOM   636 C CB  . ARG A 1 78 ? 12.518  1.516   9.055   1.00 12.41 ? 79   ARG A CB  1 
ATOM   637 C CG  . ARG A 1 78 ? 12.947  2.848   8.466   1.00 12.55 ? 79   ARG A CG  1 
ATOM   638 C CD  . ARG A 1 78 ? 13.127  3.922   9.499   1.00 12.67 ? 79   ARG A CD  1 
ATOM   639 N NE  . ARG A 1 78 ? 13.796  5.101   8.951   1.00 12.67 ? 79   ARG A NE  1 
ATOM   640 C CZ  . ARG A 1 78 ? 13.965  6.238   9.620   1.00 12.71 ? 79   ARG A CZ  1 
ATOM   641 N NH1 . ARG A 1 78 ? 13.534  6.347   10.870  1.00 12.59 ? 79   ARG A NH1 1 
ATOM   642 N NH2 . ARG A 1 78 ? 14.585  7.264   9.053   1.00 12.78 ? 79   ARG A NH2 1 
ATOM   643 N N   . CYS A 1 79 ? 14.759  0.611   6.688   1.00 12.83 ? 80   CYS A N   1 
ATOM   644 C CA  . CYS A 1 79 ? 16.170  0.484   6.335   1.00 13.51 ? 80   CYS A CA  1 
ATOM   645 C C   . CYS A 1 79 ? 17.050  1.189   7.367   1.00 14.02 ? 80   CYS A C   1 
ATOM   646 O O   . CYS A 1 79 ? 18.130  0.692   7.697   1.00 14.22 ? 80   CYS A O   1 
ATOM   647 C CB  . CYS A 1 79 ? 16.450  1.077   4.940   1.00 13.32 ? 80   CYS A CB  1 
ATOM   648 S SG  . CYS A 1 79 ? 15.507  0.346   3.578   1.00 13.50 ? 80   CYS A SG  1 
ATOM   649 O OXT . CYS A 1 79 ? 16.689  2.256   7.891   1.00 14.74 ? 80   CYS A OXT 1 
HETATM 650 C C   . ACT B 2 .  ? -7.485  -10.681 12.711  1.00 17.29 ? 1081 ACT A C   1 
HETATM 651 O O   . ACT B 2 .  ? -7.932  -11.635 12.034  1.00 17.16 ? 1081 ACT A O   1 
HETATM 652 O OXT . ACT B 2 .  ? -6.755  -9.799  12.203  1.00 17.30 ? 1081 ACT A OXT 1 
HETATM 653 C CH3 . ACT B 2 .  ? -7.823  -10.587 14.168  1.00 17.37 ? 1081 ACT A CH3 1 
HETATM 654 C C   . ACT C 2 .  ? -15.057 -0.984  2.428   1.00 18.93 ? 1082 ACT A C   1 
HETATM 655 O O   . ACT C 2 .  ? -15.373 -0.502  1.293   1.00 18.52 ? 1082 ACT A O   1 
HETATM 656 O OXT . ACT C 2 .  ? -13.951 -0.814  3.005   1.00 17.83 ? 1082 ACT A OXT 1 
HETATM 657 C CH3 . ACT C 2 .  ? -16.036 -1.840  3.166   1.00 19.15 ? 1082 ACT A CH3 1 
HETATM 658 C C1  . BV7 D 3 .  ? -4.876  4.304   5.345   1.00 11.65 ? 1083 BV7 A C1  1 
HETATM 659 C C2  . BV7 D 3 .  ? -3.531  4.259   6.059   1.00 11.46 ? 1083 BV7 A C2  1 
HETATM 660 N N3  . BV7 D 3 .  ? -3.082  5.612   6.291   1.00 11.60 ? 1083 BV7 A N3  1 
HETATM 661 C C4  . BV7 D 3 .  ? -4.014  6.417   7.093   1.00 11.61 ? 1083 BV7 A C4  1 
HETATM 662 C C5  . BV7 D 3 .  ? -5.433  6.402   6.494   1.00 11.75 ? 1083 BV7 A C5  1 
HETATM 663 C C6  . BV7 D 3 .  ? -5.848  4.947   6.326   1.00 11.98 ? 1083 BV7 A C6  1 
HETATM 664 C C7  . BV7 D 3 .  ? -7.307  4.773   5.874   1.00 12.50 ? 1083 BV7 A C7  1 
HETATM 665 C C8  . BV7 D 3 .  ? -7.468  5.031   4.393   1.00 13.40 ? 1083 BV7 A C8  1 
HETATM 666 C C9  . BV7 D 3 .  ? -8.913  4.878   3.957   1.00 13.90 ? 1083 BV7 A C9  1 
HETATM 667 O O10 . BV7 D 3 .  ? -9.250  5.259   2.887   1.00 14.90 ? 1083 BV7 A O10 1 
HETATM 668 O O11 . BV7 D 3 .  ? -9.807  4.323   4.746   1.00 14.39 ? 1083 BV7 A O11 1 
HETATM 669 O O   . HOH E 4 .  ? 10.154  -7.843  4.377   1.00 21.90 ? 2001 HOH A O   1 
HETATM 670 O O   . HOH E 4 .  ? 10.624  -4.736  -1.006  1.00 12.11 ? 2002 HOH A O   1 
HETATM 671 O O   . HOH E 4 .  ? 8.636   -8.584  -3.136  1.00 17.75 ? 2003 HOH A O   1 
HETATM 672 O O   . HOH E 4 .  ? 7.016   -10.425 -1.809  1.00 11.30 ? 2004 HOH A O   1 
HETATM 673 O O   . HOH E 4 .  ? 13.344  0.472   -0.253  1.00 10.42 ? 2005 HOH A O   1 
HETATM 674 O O   . HOH E 4 .  ? 16.480  -5.003  3.850   1.00 18.80 ? 2006 HOH A O   1 
HETATM 675 O O   . HOH E 4 .  ? 18.545  -3.593  4.793   1.00 17.57 ? 2007 HOH A O   1 
HETATM 676 O O   . HOH E 4 .  ? 15.131  6.495   -0.318  1.00 18.87 ? 2008 HOH A O   1 
HETATM 677 O O   . HOH E 4 .  ? 12.078  2.993   0.319   1.00 7.19  ? 2009 HOH A O   1 
HETATM 678 O O   . HOH E 4 .  ? 10.484  6.017   1.167   1.00 13.00 ? 2010 HOH A O   1 
HETATM 679 O O   . HOH E 4 .  ? 16.993  7.055   1.662   1.00 22.26 ? 2011 HOH A O   1 
HETATM 680 O O   . HOH E 4 .  ? 18.464  -0.198  1.114   1.00 17.13 ? 2012 HOH A O   1 
HETATM 681 O O   . HOH E 4 .  ? 11.587  -4.362  -7.573  1.00 32.64 ? 2013 HOH A O   1 
HETATM 682 O O   . HOH E 4 .  ? 15.379  4.549   6.621   1.00 9.46  ? 2014 HOH A O   1 
HETATM 683 O O   . HOH E 4 .  ? 5.574   11.654  3.496   1.00 13.15 ? 2015 HOH A O   1 
HETATM 684 O O   . HOH E 4 .  ? 5.372   4.286   -1.223  1.00 10.80 ? 2016 HOH A O   1 
HETATM 685 O O   . HOH E 4 .  ? 7.329   9.983   -2.061  1.00 20.03 ? 2017 HOH A O   1 
HETATM 686 O O   . HOH E 4 .  ? 4.685   9.262   -2.909  1.00 24.89 ? 2018 HOH A O   1 
HETATM 687 O O   . HOH E 4 .  ? 3.474   6.270   -2.519  1.00 10.20 ? 2019 HOH A O   1 
HETATM 688 O O   . HOH E 4 .  ? -14.198 -0.830  -10.187 1.00 20.79 ? 2020 HOH A O   1 
HETATM 689 O O   . HOH E 4 .  ? -17.841 -1.463  -5.778  1.00 22.89 ? 2021 HOH A O   1 
HETATM 690 O O   . HOH E 4 .  ? 13.077  5.316   -1.202  1.00 19.03 ? 2022 HOH A O   1 
HETATM 691 O O   . HOH E 4 .  ? 10.555  6.702   -5.335  1.00 14.72 ? 2023 HOH A O   1 
HETATM 692 O O   . HOH E 4 .  ? 12.760  9.618   -0.684  1.00 17.31 ? 2024 HOH A O   1 
HETATM 693 O O   . HOH E 4 .  ? -18.659 0.223   4.111   1.00 25.71 ? 2025 HOH A O   1 
HETATM 694 O O   . HOH E 4 .  ? 11.912  1.640   -4.543  1.00 12.87 ? 2026 HOH A O   1 
HETATM 695 O O   . HOH E 4 .  ? 6.212   10.401  -5.501  1.00 17.05 ? 2027 HOH A O   1 
HETATM 696 O O   . HOH E 4 .  ? 11.437  -1.568  -7.872  1.00 28.41 ? 2028 HOH A O   1 
HETATM 697 O O   . HOH E 4 .  ? 10.765  -4.981  -4.397  1.00 17.32 ? 2029 HOH A O   1 
HETATM 698 O O   . HOH E 4 .  ? 4.404   -9.799  -0.970  1.00 6.93  ? 2030 HOH A O   1 
HETATM 699 O O   . HOH E 4 .  ? 0.829   -10.603 -2.752  1.00 7.52  ? 2031 HOH A O   1 
HETATM 700 O O   . HOH E 4 .  ? 0.289   -11.789 -0.100  1.00 10.15 ? 2032 HOH A O   1 
HETATM 701 O O   . HOH E 4 .  ? 1.838   -8.393  -5.924  1.00 8.08  ? 2033 HOH A O   1 
HETATM 702 O O   . HOH E 4 .  ? 3.350   -11.677 -2.867  1.00 7.93  ? 2034 HOH A O   1 
HETATM 703 O O   . HOH E 4 .  ? 3.384   -11.035 7.120   1.00 13.18 ? 2035 HOH A O   1 
HETATM 704 O O   . HOH E 4 .  ? 4.715   -10.364 9.909   1.00 32.39 ? 2036 HOH A O   1 
HETATM 705 O O   . HOH E 4 .  ? 1.228   -13.366 9.580   1.00 12.57 ? 2037 HOH A O   1 
HETATM 706 O O   . HOH E 4 .  ? -2.478  -13.600 2.142   1.00 7.34  ? 2038 HOH A O   1 
HETATM 707 O O   . HOH E 4 .  ? -5.665  -11.387 2.213   1.00 15.15 ? 2039 HOH A O   1 
HETATM 708 O O   . HOH E 4 .  ? -11.096 -8.659  12.682  1.00 26.45 ? 2040 HOH A O   1 
HETATM 709 O O   . HOH E 4 .  ? -4.083  -0.997  -1.600  1.00 7.49  ? 2041 HOH A O   1 
HETATM 710 O O   . HOH E 4 .  ? -7.270  -6.201  -5.645  1.00 10.96 ? 2042 HOH A O   1 
HETATM 711 O O   . HOH E 4 .  ? -3.136  -0.366  -8.951  1.00 4.81  ? 2043 HOH A O   1 
HETATM 712 O O   . HOH E 4 .  ? -9.425  2.855   -10.163 1.00 21.98 ? 2044 HOH A O   1 
HETATM 713 O O   . HOH E 4 .  ? -12.881 -2.871  -8.888  1.00 13.47 ? 2045 HOH A O   1 
HETATM 714 O O   . HOH E 4 .  ? -9.954  -7.558  -6.026  1.00 12.07 ? 2046 HOH A O   1 
HETATM 715 O O   . HOH E 4 .  ? -10.579 -6.622  -8.447  1.00 16.59 ? 2047 HOH A O   1 
HETATM 716 O O   . HOH E 4 .  ? -16.456 -2.842  -4.259  1.00 18.03 ? 2048 HOH A O   1 
HETATM 717 O O   . HOH E 4 .  ? -12.274 5.674   -6.826  1.00 13.85 ? 2049 HOH A O   1 
HETATM 718 O O   . HOH E 4 .  ? -14.967 4.429   -4.324  1.00 20.09 ? 2050 HOH A O   1 
HETATM 719 O O   . HOH E 4 .  ? -13.112 -6.280  -9.551  1.00 24.32 ? 2051 HOH A O   1 
HETATM 720 O O   . HOH E 4 .  ? -17.025 -4.269  -2.040  1.00 23.29 ? 2052 HOH A O   1 
HETATM 721 O O   . HOH E 4 .  ? -13.317 6.031   0.468   1.00 23.12 ? 2053 HOH A O   1 
HETATM 722 O O   . HOH E 4 .  ? -15.802 2.705   1.316   1.00 19.94 ? 2054 HOH A O   1 
HETATM 723 O O   . HOH E 4 .  ? -20.487 -1.709  2.941   1.00 16.07 ? 2055 HOH A O   1 
HETATM 724 O O   . HOH E 4 .  ? -21.102 -1.327  -2.684  1.00 17.13 ? 2056 HOH A O   1 
HETATM 725 O O   . HOH E 4 .  ? -20.179 1.440   0.825   1.00 21.17 ? 2057 HOH A O   1 
HETATM 726 O O   . HOH E 4 .  ? -10.032 6.457   0.178   1.00 19.78 ? 2058 HOH A O   1 
HETATM 727 O O   . HOH E 4 .  ? -12.938 10.212  -7.266  1.00 24.47 ? 2059 HOH A O   1 
HETATM 728 O O   . HOH E 4 .  ? -5.284  7.630   2.441   1.00 28.21 ? 2060 HOH A O   1 
HETATM 729 O O   . HOH E 4 .  ? -10.590 6.990   -8.751  1.00 11.60 ? 2061 HOH A O   1 
HETATM 730 O O   . HOH E 4 .  ? -8.888  12.493  -10.667 1.00 16.12 ? 2062 HOH A O   1 
HETATM 731 O O   . HOH E 4 .  ? -11.273 5.224   -13.078 1.00 18.57 ? 2063 HOH A O   1 
HETATM 732 O O   . HOH E 4 .  ? -8.817  11.557  -13.143 1.00 23.92 ? 2064 HOH A O   1 
HETATM 733 O O   . HOH E 4 .  ? -8.177  1.764   -13.330 1.00 25.56 ? 2065 HOH A O   1 
HETATM 734 O O   . HOH E 4 .  ? -11.245 9.546   -9.951  1.00 13.82 ? 2066 HOH A O   1 
HETATM 735 O O   . HOH E 4 .  ? 0.156   11.467  -6.877  1.00 12.74 ? 2067 HOH A O   1 
HETATM 736 O O   . HOH E 4 .  ? 0.234   6.460   -8.632  1.00 10.06 ? 2068 HOH A O   1 
HETATM 737 O O   . HOH E 4 .  ? -5.406  14.188  -0.953  1.00 27.84 ? 2069 HOH A O   1 
HETATM 738 O O   . HOH E 4 .  ? 3.216   6.852   -10.018 1.00 13.59 ? 2070 HOH A O   1 
HETATM 739 O O   . HOH E 4 .  ? 1.321   14.077  -9.149  0.50 29.41 ? 2071 HOH A O   1 
HETATM 740 O O   . HOH E 4 .  ? 1.040   13.995  -6.479  1.00 23.15 ? 2072 HOH A O   1 
HETATM 741 O O   . HOH E 4 .  ? 5.471   1.581   -8.747  1.00 10.99 ? 2073 HOH A O   1 
HETATM 742 O O   . HOH E 4 .  ? 2.563   3.770   -10.699 1.00 16.10 ? 2074 HOH A O   1 
HETATM 743 O O   . HOH E 4 .  ? 6.196   -8.294  -9.068  1.00 13.58 ? 2075 HOH A O   1 
HETATM 744 O O   . HOH E 4 .  ? -1.864  12.705  4.532   1.00 18.96 ? 2076 HOH A O   1 
HETATM 745 O O   . HOH E 4 .  ? -2.301  5.973   10.031  1.00 11.17 ? 2077 HOH A O   1 
HETATM 746 O O   . HOH E 4 .  ? 8.403   5.641   10.291  1.00 10.52 ? 2078 HOH A O   1 
HETATM 747 O O   . HOH E 4 .  ? 2.575   3.850   12.931  1.00 18.97 ? 2079 HOH A O   1 
HETATM 748 O O   . HOH E 4 .  ? 5.482   -1.078  6.214   1.00 12.47 ? 2080 HOH A O   1 
HETATM 749 O O   . HOH E 4 .  ? -11.730 -10.704 -0.788  1.00 34.87 ? 2081 HOH A O   1 
HETATM 750 O O   . HOH E 4 .  ? -12.197 -6.392  11.440  1.00 19.46 ? 2082 HOH A O   1 
HETATM 751 O O   . HOH E 4 .  ? -11.189 -2.708  8.910   1.00 16.11 ? 2083 HOH A O   1 
HETATM 752 O O   . HOH E 4 .  ? -7.769  -1.607  9.021   1.00 16.70 ? 2084 HOH A O   1 
HETATM 753 O O   . HOH E 4 .  ? -14.599 1.861   4.999   1.00 26.55 ? 2085 HOH A O   1 
HETATM 754 O O   . HOH E 4 .  ? -7.678  2.897   10.422  1.00 14.13 ? 2086 HOH A O   1 
HETATM 755 O O   . HOH E 4 .  ? -8.980  0.476   10.114  1.00 19.34 ? 2087 HOH A O   1 
HETATM 756 O O   . HOH E 4 .  ? -2.465  -4.910  11.716  1.00 15.39 ? 2088 HOH A O   1 
HETATM 757 O O   . HOH E 4 .  ? -1.245  -2.886  10.313  1.00 7.55  ? 2089 HOH A O   1 
HETATM 758 O O   . HOH E 4 .  ? -1.528  3.757   12.328  1.00 15.79 ? 2090 HOH A O   1 
HETATM 759 O O   . HOH E 4 .  ? 8.166   -9.758  6.220   1.00 23.07 ? 2091 HOH A O   1 
HETATM 760 O O   . HOH E 4 .  ? -10.670 -11.830 11.641  1.00 28.43 ? 2092 HOH A O   1 
HETATM 761 O O   . HOH E 4 .  ? -11.762 6.269   4.592   1.00 17.43 ? 2093 HOH A O   1 
# 
